data_9LNB
#
_entry.id   9LNB
#
_cell.length_a   1.00
_cell.length_b   1.00
_cell.length_c   1.00
_cell.angle_alpha   90.00
_cell.angle_beta   90.00
_cell.angle_gamma   90.00
#
_symmetry.space_group_name_H-M   'P 1'
#
loop_
_entity.id
_entity.type
_entity.pdbx_description
1 polymer 'Glucose-6-phosphate exchanger SLC37A4'
2 non-polymer 'Lauryl Maltose Neopentyl Glycol'
#
_entity_poly.entity_id   1
_entity_poly.type   'polypeptide(L)'
_entity_poly.pdbx_seq_one_letter_code
;MAAQGYGYYRTVIFSAMFGGYSLYYFNRKTFSFVMPSLVEEIPLDKDDLGFITSSQSAAYAISKFVSGVLSDQMSARWLF
SSGLLLVGLVNIFFAWSSTVPVFAALWFLNGLAQGLGWPPCGKVLRKWFEPSQFGTWWAILSTSMNLAGGLGPILATILA
QSYSWRSTLALSGALCVVVSFLCLLLIHNEPADVGLRNLDPMPSEGKKGSLKEESTLQELLLSPYLWVLSTGYLVVFGVK
TCCTDWGQFFLIQEKGQSALVGSSYMSALEVGGLVGSIAAGYLSDRAMAKAGLSNYGNPRHGLLLFMMAGMTVSMYLFRV
TVTSDSPKLWILVLGAVFGFSSYGPIALFGVIANESAPPNLCGTSHAIVGLMANVGGFLAGLPFSTIAKHYSWSTAFWVA
EVICAASTAAFFLLRNIRTKMGRVSKKAE
;
_entity_poly.pdbx_strand_id   A,B
#
loop_
_chem_comp.id
_chem_comp.type
_chem_comp.name
_chem_comp.formula
LMN non-polymer 'Lauryl Maltose Neopentyl Glycol' 'C47 H88 O22'
#
# COMPACT_ATOMS: atom_id res chain seq x y z
N GLY A 5 -4.18 -12.70 -44.07
CA GLY A 5 -2.90 -12.03 -44.22
C GLY A 5 -2.37 -11.46 -42.92
N TYR A 6 -1.04 -11.48 -42.76
CA TYR A 6 -0.43 -10.96 -41.55
C TYR A 6 -0.76 -9.48 -41.36
N GLY A 7 -0.63 -8.69 -42.43
CA GLY A 7 -0.93 -7.28 -42.32
C GLY A 7 -2.39 -7.02 -41.99
N TYR A 8 -3.29 -7.76 -42.62
CA TYR A 8 -4.72 -7.59 -42.37
C TYR A 8 -5.06 -7.91 -40.91
N TYR A 9 -4.55 -9.04 -40.41
CA TYR A 9 -4.84 -9.43 -39.03
C TYR A 9 -4.23 -8.44 -38.04
N ARG A 10 -2.99 -7.99 -38.29
CA ARG A 10 -2.37 -7.02 -37.41
C ARG A 10 -3.15 -5.70 -37.41
N THR A 11 -3.61 -5.27 -38.58
CA THR A 11 -4.39 -4.04 -38.66
C THR A 11 -5.69 -4.16 -37.88
N VAL A 12 -6.38 -5.29 -38.02
CA VAL A 12 -7.66 -5.47 -37.33
C VAL A 12 -7.45 -5.46 -35.82
N ILE A 13 -6.46 -6.23 -35.34
CA ILE A 13 -6.20 -6.28 -33.91
C ILE A 13 -5.80 -4.91 -33.39
N PHE A 14 -4.95 -4.20 -34.12
CA PHE A 14 -4.51 -2.87 -33.70
C PHE A 14 -5.67 -1.90 -33.63
N SER A 15 -6.57 -1.93 -34.61
CA SER A 15 -7.72 -1.01 -34.59
C SER A 15 -8.63 -1.31 -33.41
N ALA A 16 -8.93 -2.58 -33.17
CA ALA A 16 -9.78 -2.93 -32.03
C ALA A 16 -9.12 -2.51 -30.71
N MET A 17 -7.82 -2.76 -30.59
CA MET A 17 -7.08 -2.38 -29.36
C MET A 17 -7.18 -0.86 -29.17
N PHE A 18 -6.86 -0.09 -30.22
CA PHE A 18 -6.90 1.37 -30.16
C PHE A 18 -8.26 1.85 -29.67
N GLY A 19 -9.34 1.37 -30.28
CA GLY A 19 -10.67 1.78 -29.85
C GLY A 19 -10.97 1.41 -28.42
N GLY A 20 -10.63 0.17 -28.02
CA GLY A 20 -10.89 -0.25 -26.66
C GLY A 20 -10.18 0.61 -25.63
N TYR A 21 -8.90 0.88 -25.89
CA TYR A 21 -8.08 1.65 -24.91
C TYR A 21 -8.58 3.11 -24.85
N SER A 22 -8.95 3.69 -26.00
CA SER A 22 -9.47 5.05 -25.99
C SER A 22 -10.76 5.14 -25.19
N LEU A 23 -11.67 4.18 -25.37
CA LEU A 23 -12.90 4.17 -24.58
C LEU A 23 -12.60 3.98 -23.10
N TYR A 24 -11.63 3.12 -22.78
CA TYR A 24 -11.21 2.92 -21.40
C TYR A 24 -10.86 4.26 -20.75
N TYR A 25 -9.99 5.04 -21.41
CA TYR A 25 -9.54 6.29 -20.80
C TYR A 25 -10.66 7.33 -20.73
N PHE A 26 -11.50 7.39 -21.78
CA PHE A 26 -12.62 8.33 -21.74
C PHE A 26 -13.54 8.05 -20.57
N ASN A 27 -13.86 6.78 -20.34
CA ASN A 27 -14.71 6.44 -19.21
C ASN A 27 -13.99 6.53 -17.87
N ARG A 28 -12.65 6.51 -17.87
CA ARG A 28 -11.92 6.84 -16.65
C ARG A 28 -12.12 8.31 -16.27
N LYS A 29 -12.05 9.20 -17.26
CA LYS A 29 -12.07 10.64 -16.98
C LYS A 29 -13.44 11.30 -17.13
N THR A 30 -14.50 10.53 -17.42
CA THR A 30 -15.80 11.13 -17.68
C THR A 30 -16.35 11.91 -16.48
N PHE A 31 -16.10 11.45 -15.25
CA PHE A 31 -16.61 12.18 -14.08
C PHE A 31 -15.95 13.54 -13.96
N SER A 32 -14.64 13.61 -14.13
CA SER A 32 -13.97 14.91 -14.14
C SER A 32 -14.45 15.77 -15.29
N PHE A 33 -14.81 15.14 -16.41
CA PHE A 33 -15.34 15.89 -17.55
C PHE A 33 -16.67 16.56 -17.20
N VAL A 34 -17.58 15.81 -16.56
CA VAL A 34 -18.95 16.29 -16.36
C VAL A 34 -19.19 16.81 -14.94
N MET A 35 -18.14 16.98 -14.14
CA MET A 35 -18.31 17.47 -12.78
C MET A 35 -19.08 18.79 -12.65
N PRO A 36 -18.83 19.83 -13.46
CA PRO A 36 -19.55 21.10 -13.22
C PRO A 36 -21.06 20.99 -13.26
N SER A 37 -21.61 20.16 -14.15
CA SER A 37 -23.07 20.06 -14.27
C SER A 37 -23.68 19.43 -13.02
N LEU A 38 -23.09 18.33 -12.55
CA LEU A 38 -23.64 17.70 -11.34
C LEU A 38 -23.34 18.52 -10.10
N VAL A 39 -22.28 19.32 -10.11
CA VAL A 39 -22.03 20.24 -9.00
C VAL A 39 -23.11 21.32 -8.97
N GLU A 40 -23.48 21.84 -10.14
CA GLU A 40 -24.57 22.80 -10.21
C GLU A 40 -25.89 22.19 -9.76
N GLU A 41 -26.17 20.95 -10.16
CA GLU A 41 -27.42 20.31 -9.80
C GLU A 41 -27.48 19.99 -8.30
N ILE A 42 -26.58 19.15 -7.82
CA ILE A 42 -26.46 18.82 -6.41
C ILE A 42 -25.16 19.39 -5.88
N PRO A 43 -25.23 20.36 -4.96
CA PRO A 43 -24.00 20.96 -4.43
C PRO A 43 -23.12 19.94 -3.73
N LEU A 44 -21.80 20.10 -3.91
CA LEU A 44 -20.81 19.28 -3.22
C LEU A 44 -19.69 20.19 -2.73
N ASP A 45 -19.02 19.75 -1.67
CA ASP A 45 -17.88 20.48 -1.13
C ASP A 45 -16.60 19.87 -1.66
N LYS A 46 -15.45 20.41 -1.25
CA LYS A 46 -14.17 19.99 -1.80
C LYS A 46 -13.71 18.64 -1.27
N ASP A 47 -14.26 18.19 -0.14
CA ASP A 47 -13.83 16.92 0.43
C ASP A 47 -14.38 15.73 -0.34
N ASP A 48 -15.63 15.82 -0.81
CA ASP A 48 -16.26 14.68 -1.48
C ASP A 48 -15.56 14.34 -2.79
N LEU A 49 -15.22 15.34 -3.59
CA LEU A 49 -14.54 15.08 -4.86
C LEU A 49 -13.18 14.43 -4.63
N GLY A 50 -12.44 14.94 -3.65
CA GLY A 50 -11.16 14.33 -3.32
C GLY A 50 -11.31 12.90 -2.84
N PHE A 51 -12.33 12.63 -2.04
CA PHE A 51 -12.57 11.27 -1.56
C PHE A 51 -12.88 10.33 -2.72
N ILE A 52 -13.72 10.78 -3.65
CA ILE A 52 -14.09 9.94 -4.80
C ILE A 52 -12.86 9.63 -5.65
N THR A 53 -12.07 10.68 -5.96
CA THR A 53 -10.88 10.48 -6.78
C THR A 53 -9.86 9.59 -6.09
N SER A 54 -9.70 9.75 -4.77
CA SER A 54 -8.78 8.93 -4.01
C SER A 54 -9.21 7.46 -4.02
N SER A 55 -10.51 7.20 -3.85
CA SER A 55 -10.99 5.82 -3.90
C SER A 55 -10.72 5.21 -5.27
N GLN A 56 -11.00 5.96 -6.33
CA GLN A 56 -10.72 5.45 -7.66
C GLN A 56 -9.24 5.16 -7.86
N SER A 57 -8.38 6.06 -7.38
CA SER A 57 -6.94 5.87 -7.56
C SER A 57 -6.42 4.65 -6.81
N ALA A 58 -6.85 4.47 -5.56
CA ALA A 58 -6.41 3.31 -4.80
C ALA A 58 -6.88 2.01 -5.44
N ALA A 59 -8.15 1.97 -5.87
CA ALA A 59 -8.66 0.78 -6.54
C ALA A 59 -7.88 0.51 -7.82
N TYR A 60 -7.56 1.56 -8.59
CA TYR A 60 -6.82 1.39 -9.82
C TYR A 60 -5.45 0.79 -9.55
N ALA A 61 -4.74 1.29 -8.53
CA ALA A 61 -3.41 0.78 -8.23
C ALA A 61 -3.46 -0.70 -7.85
N ILE A 62 -4.35 -1.05 -6.91
CA ILE A 62 -4.41 -2.42 -6.44
C ILE A 62 -4.80 -3.36 -7.58
N SER A 63 -5.85 -2.99 -8.30
CA SER A 63 -6.31 -3.84 -9.44
C SER A 63 -5.19 -3.98 -10.46
N LYS A 64 -4.51 -2.87 -10.77
CA LYS A 64 -3.45 -2.91 -11.78
C LYS A 64 -2.40 -3.93 -11.40
N PHE A 65 -1.93 -3.91 -10.15
CA PHE A 65 -0.95 -4.91 -9.73
C PHE A 65 -1.51 -6.32 -9.84
N VAL A 66 -2.73 -6.53 -9.36
CA VAL A 66 -3.31 -7.88 -9.33
C VAL A 66 -3.52 -8.40 -10.75
N SER A 67 -4.05 -7.57 -11.64
CA SER A 67 -4.32 -8.00 -13.00
C SER A 67 -3.03 -8.18 -13.79
N GLY A 68 -1.99 -7.40 -13.48
CA GLY A 68 -0.70 -7.65 -14.07
C GLY A 68 -0.14 -9.00 -13.66
N VAL A 69 -0.30 -9.35 -12.38
CA VAL A 69 0.16 -10.66 -11.92
C VAL A 69 -0.63 -11.78 -12.59
N LEU A 70 -1.95 -11.61 -12.69
CA LEU A 70 -2.85 -12.67 -13.12
C LEU A 70 -3.01 -12.76 -14.65
N SER A 71 -2.50 -11.78 -15.40
CA SER A 71 -2.77 -11.71 -16.82
C SER A 71 -2.13 -12.84 -17.61
N ASP A 72 -1.22 -13.60 -17.00
CA ASP A 72 -0.53 -14.69 -17.67
C ASP A 72 -1.23 -16.04 -17.49
N GLN A 73 -2.35 -16.07 -16.78
CA GLN A 73 -3.09 -17.30 -16.54
C GLN A 73 -4.47 -17.31 -17.19
N MET A 74 -4.89 -16.20 -17.79
CA MET A 74 -6.21 -16.09 -18.39
C MET A 74 -6.07 -15.45 -19.76
N SER A 75 -7.10 -15.62 -20.59
CA SER A 75 -7.04 -15.15 -21.97
C SER A 75 -7.19 -13.64 -22.05
N ALA A 76 -6.33 -13.03 -22.88
CA ALA A 76 -6.28 -11.58 -23.01
C ALA A 76 -7.59 -11.03 -23.57
N ARG A 77 -8.16 -11.71 -24.56
CA ARG A 77 -9.40 -11.23 -25.17
C ARG A 77 -10.53 -11.17 -24.15
N TRP A 78 -10.70 -12.24 -23.37
CA TRP A 78 -11.75 -12.25 -22.36
C TRP A 78 -11.50 -11.21 -21.27
N LEU A 79 -10.23 -11.06 -20.86
CA LEU A 79 -9.92 -10.04 -19.86
C LEU A 79 -10.29 -8.65 -20.36
N PHE A 80 -9.90 -8.33 -21.61
CA PHE A 80 -10.17 -7.03 -22.19
C PHE A 80 -11.68 -6.77 -22.27
N SER A 81 -12.43 -7.73 -22.83
CA SER A 81 -13.87 -7.54 -22.99
C SER A 81 -14.58 -7.42 -21.65
N SER A 82 -14.20 -8.25 -20.67
CA SER A 82 -14.83 -8.18 -19.37
C SER A 82 -14.57 -6.84 -18.70
N GLY A 83 -13.32 -6.35 -18.77
CA GLY A 83 -13.02 -5.05 -18.18
C GLY A 83 -13.84 -3.94 -18.82
N LEU A 84 -13.93 -3.94 -20.15
CA LEU A 84 -14.70 -2.90 -20.82
C LEU A 84 -16.18 -2.97 -20.47
N LEU A 85 -16.74 -4.18 -20.41
CA LEU A 85 -18.15 -4.33 -20.04
C LEU A 85 -18.42 -3.83 -18.63
N LEU A 86 -17.55 -4.20 -17.68
CA LEU A 86 -17.73 -3.73 -16.30
C LEU A 86 -17.60 -2.21 -16.21
N VAL A 87 -16.67 -1.62 -16.97
CA VAL A 87 -16.53 -0.17 -16.96
C VAL A 87 -17.81 0.50 -17.47
N GLY A 88 -18.36 -0.01 -18.56
CA GLY A 88 -19.60 0.55 -19.08
C GLY A 88 -20.76 0.42 -18.12
N LEU A 89 -20.88 -0.75 -17.49
CA LEU A 89 -21.97 -0.96 -16.53
C LEU A 89 -21.82 -0.03 -15.32
N VAL A 90 -20.59 0.15 -14.84
CA VAL A 90 -20.35 1.03 -13.71
C VAL A 90 -20.71 2.46 -14.06
N ASN A 91 -20.36 2.91 -15.27
CA ASN A 91 -20.75 4.25 -15.68
C ASN A 91 -22.27 4.40 -15.75
N ILE A 92 -22.95 3.39 -16.31
CA ILE A 92 -24.41 3.45 -16.42
C ILE A 92 -25.05 3.55 -15.04
N PHE A 93 -24.56 2.74 -14.08
CA PHE A 93 -25.09 2.81 -12.72
C PHE A 93 -24.76 4.15 -12.06
N PHE A 94 -23.57 4.70 -12.34
CA PHE A 94 -23.20 6.00 -11.79
C PHE A 94 -24.12 7.10 -12.31
N ALA A 95 -24.66 6.93 -13.51
CA ALA A 95 -25.59 7.92 -14.04
C ALA A 95 -26.90 8.01 -13.26
N TRP A 96 -27.22 7.02 -12.43
CA TRP A 96 -28.51 6.95 -11.75
C TRP A 96 -28.37 7.00 -10.24
N SER A 97 -27.39 7.72 -9.73
CA SER A 97 -27.18 7.85 -8.29
C SER A 97 -27.13 9.32 -7.90
N SER A 98 -27.47 9.60 -6.63
CA SER A 98 -27.54 10.99 -6.18
C SER A 98 -27.02 11.17 -4.76
N THR A 99 -26.08 10.34 -4.31
CA THR A 99 -25.50 10.53 -2.99
C THR A 99 -24.02 10.18 -3.01
N VAL A 100 -23.26 10.94 -2.21
CA VAL A 100 -21.78 10.79 -2.19
C VAL A 100 -21.39 9.35 -1.86
N PRO A 101 -21.79 8.73 -0.72
CA PRO A 101 -21.29 7.38 -0.45
C PRO A 101 -21.49 6.41 -1.62
N VAL A 102 -22.63 6.49 -2.30
CA VAL A 102 -22.86 5.62 -3.46
C VAL A 102 -21.94 6.01 -4.62
N PHE A 103 -21.73 7.31 -4.81
CA PHE A 103 -20.78 7.77 -5.81
C PHE A 103 -19.40 7.18 -5.57
N ALA A 104 -18.92 7.27 -4.33
CA ALA A 104 -17.57 6.82 -4.01
C ALA A 104 -17.46 5.30 -4.03
N ALA A 105 -18.56 4.60 -3.76
CA ALA A 105 -18.54 3.14 -3.87
C ALA A 105 -18.55 2.70 -5.33
N LEU A 106 -19.25 3.45 -6.18
CA LEU A 106 -19.30 3.10 -7.60
C LEU A 106 -18.01 3.48 -8.32
N TRP A 107 -17.29 4.48 -7.81
CA TRP A 107 -16.03 4.89 -8.45
C TRP A 107 -14.84 4.06 -8.00
N PHE A 108 -15.06 3.09 -7.11
CA PHE A 108 -14.06 2.09 -6.74
C PHE A 108 -14.05 0.90 -7.68
N LEU A 109 -15.23 0.31 -7.95
CA LEU A 109 -15.38 -0.71 -8.96
C LEU A 109 -14.92 -0.23 -10.33
N ASN A 110 -15.06 1.06 -10.61
CA ASN A 110 -14.52 1.61 -11.85
C ASN A 110 -13.01 1.43 -11.92
N GLY A 111 -12.29 1.75 -10.84
CA GLY A 111 -10.85 1.53 -10.85
C GLY A 111 -10.48 0.07 -10.95
N LEU A 112 -11.23 -0.79 -10.24
CA LEU A 112 -10.97 -2.23 -10.32
C LEU A 112 -11.12 -2.73 -11.76
N ALA A 113 -12.15 -2.26 -12.46
CA ALA A 113 -12.36 -2.67 -13.85
C ALA A 113 -11.30 -2.08 -14.77
N GLN A 114 -10.90 -0.82 -14.51
CA GLN A 114 -9.92 -0.15 -15.38
C GLN A 114 -8.55 -0.82 -15.27
N GLY A 115 -8.25 -1.42 -14.12
CA GLY A 115 -6.96 -2.08 -13.95
C GLY A 115 -6.71 -3.22 -14.91
N LEU A 116 -7.76 -3.77 -15.53
CA LEU A 116 -7.70 -4.94 -16.39
C LEU A 116 -7.41 -4.62 -17.85
N GLY A 117 -7.15 -3.37 -18.25
CA GLY A 117 -7.09 -3.04 -19.66
C GLY A 117 -5.78 -3.29 -20.37
N TRP A 118 -4.67 -2.84 -19.80
CA TRP A 118 -3.39 -2.80 -20.51
C TRP A 118 -2.63 -4.13 -20.61
N PRO A 119 -2.55 -4.95 -19.56
CA PRO A 119 -1.75 -6.18 -19.64
C PRO A 119 -2.18 -7.12 -20.76
N PRO A 120 -3.48 -7.30 -21.01
CA PRO A 120 -3.86 -8.09 -22.20
C PRO A 120 -3.33 -7.49 -23.49
N CYS A 121 -3.37 -6.16 -23.61
CA CYS A 121 -2.83 -5.51 -24.79
C CYS A 121 -1.34 -5.77 -24.93
N GLY A 122 -0.60 -5.67 -23.83
CA GLY A 122 0.83 -5.93 -23.88
C GLY A 122 1.15 -7.35 -24.29
N LYS A 123 0.41 -8.31 -23.74
CA LYS A 123 0.65 -9.72 -24.08
C LYS A 123 0.34 -9.99 -25.55
N VAL A 124 -0.77 -9.44 -26.05
CA VAL A 124 -1.12 -9.66 -27.45
C VAL A 124 -0.09 -9.02 -28.36
N LEU A 125 0.37 -7.81 -28.03
CA LEU A 125 1.39 -7.15 -28.84
C LEU A 125 2.68 -7.98 -28.86
N ARG A 126 3.10 -8.48 -27.71
CA ARG A 126 4.33 -9.27 -27.65
C ARG A 126 4.20 -10.56 -28.44
N LYS A 127 3.04 -11.21 -28.38
CA LYS A 127 2.88 -12.48 -29.07
C LYS A 127 2.56 -12.32 -30.55
N TRP A 128 2.20 -11.13 -31.00
CA TRP A 128 1.86 -10.92 -32.40
C TRP A 128 2.91 -10.15 -33.19
N PHE A 129 3.79 -9.38 -32.54
CA PHE A 129 4.73 -8.53 -33.25
C PHE A 129 6.17 -8.98 -32.98
N GLU A 130 7.02 -8.76 -33.99
CA GLU A 130 8.44 -9.06 -33.96
C GLU A 130 9.16 -8.14 -32.98
N PRO A 131 10.28 -8.58 -32.40
CA PRO A 131 10.94 -7.75 -31.38
C PRO A 131 11.60 -6.50 -31.94
N SER A 132 11.76 -6.40 -33.26
CA SER A 132 12.22 -5.17 -33.89
C SER A 132 11.08 -4.22 -34.22
N GLN A 133 9.83 -4.59 -33.93
CA GLN A 133 8.68 -3.68 -34.12
C GLN A 133 7.82 -3.72 -32.86
N PHE A 134 8.42 -3.52 -31.68
CA PHE A 134 7.67 -3.66 -30.41
C PHE A 134 7.90 -2.45 -29.51
N GLY A 135 8.46 -1.34 -30.01
CA GLY A 135 8.57 -0.12 -29.19
C GLY A 135 7.78 0.97 -29.88
N THR A 136 7.62 0.85 -31.17
CA THR A 136 6.82 1.77 -31.99
C THR A 136 5.34 1.63 -31.68
N TRP A 137 4.83 0.39 -31.71
CA TRP A 137 3.41 0.19 -31.45
C TRP A 137 3.07 0.38 -29.98
N TRP A 138 4.00 0.07 -29.08
CA TRP A 138 3.81 0.42 -27.67
C TRP A 138 3.56 1.92 -27.51
N ALA A 139 4.44 2.75 -28.08
CA ALA A 139 4.29 4.19 -27.99
C ALA A 139 3.03 4.67 -28.70
N ILE A 140 2.62 3.99 -29.78
CA ILE A 140 1.42 4.42 -30.49
C ILE A 140 0.16 4.12 -29.67
N LEU A 141 0.13 3.01 -28.94
CA LEU A 141 -0.97 2.80 -28.00
C LEU A 141 -0.97 3.83 -26.89
N SER A 142 0.22 4.18 -26.38
CA SER A 142 0.29 5.27 -25.40
C SER A 142 -0.30 6.55 -25.97
N THR A 143 0.00 6.85 -27.24
CA THR A 143 -0.57 8.04 -27.86
C THR A 143 -2.07 7.90 -28.10
N SER A 144 -2.56 6.67 -28.23
CA SER A 144 -4.01 6.47 -28.27
C SER A 144 -4.65 6.94 -26.97
N MET A 145 -4.06 6.53 -25.85
CA MET A 145 -4.54 7.03 -24.56
C MET A 145 -4.45 8.54 -24.47
N ASN A 146 -3.34 9.11 -24.94
CA ASN A 146 -3.17 10.57 -24.93
C ASN A 146 -4.23 11.26 -25.77
N LEU A 147 -4.53 10.72 -26.96
CA LEU A 147 -5.52 11.32 -27.83
C LEU A 147 -6.91 11.28 -27.20
N ALA A 148 -7.25 10.14 -26.57
CA ALA A 148 -8.53 10.06 -25.88
C ALA A 148 -8.62 11.12 -24.78
N GLY A 149 -7.56 11.25 -23.98
CA GLY A 149 -7.57 12.25 -22.92
C GLY A 149 -7.65 13.67 -23.45
N GLY A 150 -6.99 13.93 -24.56
CA GLY A 150 -6.98 15.28 -25.12
C GLY A 150 -8.30 15.67 -25.75
N LEU A 151 -8.94 14.74 -26.46
CA LEU A 151 -10.21 15.03 -27.11
C LEU A 151 -11.41 14.83 -26.21
N GLY A 152 -11.23 14.29 -25.00
CA GLY A 152 -12.31 14.16 -24.05
C GLY A 152 -13.06 15.45 -23.75
N PRO A 153 -12.38 16.41 -23.10
CA PRO A 153 -13.10 17.56 -22.53
C PRO A 153 -13.94 18.35 -23.52
N ILE A 154 -13.45 18.61 -24.73
CA ILE A 154 -14.18 19.45 -25.67
C ILE A 154 -15.52 18.82 -26.02
N LEU A 155 -15.49 17.55 -26.43
CA LEU A 155 -16.72 16.84 -26.77
C LEU A 155 -17.60 16.67 -25.54
N ALA A 156 -16.99 16.46 -24.37
CA ALA A 156 -17.76 16.26 -23.15
C ALA A 156 -18.59 17.50 -22.82
N THR A 157 -17.96 18.68 -22.79
CA THR A 157 -18.73 19.89 -22.51
C THR A 157 -19.69 20.23 -23.63
N ILE A 158 -19.31 19.97 -24.89
CA ILE A 158 -20.20 20.25 -26.00
C ILE A 158 -21.49 19.44 -25.88
N LEU A 159 -21.36 18.16 -25.51
CA LEU A 159 -22.55 17.33 -25.32
C LEU A 159 -23.30 17.67 -24.04
N ALA A 160 -22.57 18.06 -22.99
CA ALA A 160 -23.21 18.30 -21.70
C ALA A 160 -24.03 19.59 -21.71
N GLN A 161 -23.55 20.63 -22.39
CA GLN A 161 -24.32 21.86 -22.47
C GLN A 161 -25.58 21.71 -23.32
N SER A 162 -25.72 20.61 -24.04
CA SER A 162 -26.86 20.41 -24.94
C SER A 162 -28.05 19.77 -24.21
N TYR A 163 -27.85 18.59 -23.61
CA TYR A 163 -28.96 17.81 -23.09
C TYR A 163 -28.95 17.77 -21.56
N SER A 164 -27.90 17.22 -20.95
CA SER A 164 -27.85 16.99 -19.51
C SER A 164 -26.50 16.38 -19.17
N TRP A 165 -26.31 16.10 -17.88
CA TRP A 165 -25.15 15.33 -17.43
C TRP A 165 -25.48 13.86 -17.20
N ARG A 166 -26.74 13.52 -16.98
CA ARG A 166 -27.12 12.13 -16.74
C ARG A 166 -27.15 11.31 -18.02
N SER A 167 -27.56 11.90 -19.15
CA SER A 167 -27.66 11.15 -20.40
C SER A 167 -26.29 10.81 -20.99
N THR A 168 -25.30 11.69 -20.79
CA THR A 168 -23.98 11.45 -21.35
C THR A 168 -23.35 10.17 -20.79
N LEU A 169 -23.46 9.97 -19.48
CA LEU A 169 -22.86 8.79 -18.86
C LEU A 169 -23.54 7.51 -19.34
N ALA A 170 -24.87 7.53 -19.44
CA ALA A 170 -25.58 6.35 -19.94
C ALA A 170 -25.22 6.05 -21.39
N LEU A 171 -25.12 7.08 -22.22
CA LEU A 171 -24.73 6.87 -23.61
C LEU A 171 -23.31 6.30 -23.70
N SER A 172 -22.39 6.82 -22.88
CA SER A 172 -21.03 6.29 -22.86
C SER A 172 -21.00 4.84 -22.42
N GLY A 173 -21.79 4.49 -21.40
CA GLY A 173 -21.85 3.10 -20.97
C GLY A 173 -22.39 2.17 -22.05
N ALA A 174 -23.45 2.59 -22.75
CA ALA A 174 -23.99 1.77 -23.83
C ALA A 174 -22.98 1.60 -24.94
N LEU A 175 -22.29 2.67 -25.31
CA LEU A 175 -21.26 2.57 -26.33
C LEU A 175 -20.14 1.63 -25.90
N CYS A 176 -19.78 1.68 -24.61
CA CYS A 176 -18.75 0.79 -24.10
C CYS A 176 -19.18 -0.67 -24.19
N VAL A 177 -20.46 -0.95 -23.87
CA VAL A 177 -20.95 -2.32 -23.97
C VAL A 177 -20.90 -2.82 -25.41
N VAL A 178 -21.35 -1.99 -26.35
CA VAL A 178 -21.36 -2.39 -27.76
C VAL A 178 -19.92 -2.63 -28.25
N VAL A 179 -19.01 -1.72 -27.91
CA VAL A 179 -17.63 -1.87 -28.34
C VAL A 179 -16.98 -3.06 -27.64
N SER A 180 -17.42 -3.40 -26.43
CA SER A 180 -16.92 -4.59 -25.76
C SER A 180 -17.29 -5.85 -26.53
N PHE A 181 -18.54 -5.96 -26.96
CA PHE A 181 -18.89 -7.09 -27.83
C PHE A 181 -18.09 -7.08 -29.13
N LEU A 182 -17.89 -5.91 -29.74
CA LEU A 182 -17.14 -5.85 -30.99
C LEU A 182 -15.70 -6.30 -30.81
N CYS A 183 -15.04 -5.84 -29.74
CA CYS A 183 -13.67 -6.25 -29.47
C CYS A 183 -13.59 -7.73 -29.15
N LEU A 184 -14.56 -8.25 -28.39
CA LEU A 184 -14.61 -9.69 -28.15
C LEU A 184 -14.67 -10.47 -29.45
N LEU A 185 -15.46 -9.97 -30.41
CA LEU A 185 -15.57 -10.63 -31.70
C LEU A 185 -14.32 -10.48 -32.56
N LEU A 186 -13.59 -9.37 -32.45
CA LEU A 186 -12.50 -9.05 -33.37
C LEU A 186 -11.12 -9.51 -32.90
N ILE A 187 -10.82 -9.42 -31.61
CA ILE A 187 -9.45 -9.68 -31.14
C ILE A 187 -9.15 -11.18 -31.17
N HIS A 188 -7.95 -11.52 -31.66
CA HIS A 188 -7.47 -12.89 -31.70
C HIS A 188 -6.29 -13.03 -30.74
N ASN A 189 -6.27 -14.11 -29.96
CA ASN A 189 -5.30 -14.25 -28.89
C ASN A 189 -3.89 -14.53 -29.42
N GLU A 190 -3.78 -15.47 -30.36
CA GLU A 190 -2.49 -15.93 -30.84
C GLU A 190 -2.56 -16.14 -32.35
N PRO A 191 -1.42 -16.07 -33.04
CA PRO A 191 -1.43 -16.41 -34.48
C PRO A 191 -1.72 -17.87 -34.74
N ALA A 192 -1.53 -18.76 -33.74
CA ALA A 192 -1.84 -20.16 -33.94
C ALA A 192 -3.32 -20.43 -34.04
N ASP A 193 -4.16 -19.55 -33.48
CA ASP A 193 -5.61 -19.69 -33.58
C ASP A 193 -6.12 -19.48 -34.98
N VAL A 194 -5.30 -18.96 -35.90
CA VAL A 194 -5.68 -18.79 -37.28
C VAL A 194 -4.88 -19.67 -38.23
N GLY A 195 -3.67 -20.09 -37.87
CA GLY A 195 -2.89 -20.94 -38.74
C GLY A 195 -1.48 -20.44 -39.04
N LEU A 196 -0.96 -19.56 -38.19
CA LEU A 196 0.39 -19.03 -38.34
C LEU A 196 1.09 -19.06 -36.99
N ARG A 197 2.34 -18.59 -36.95
CA ARG A 197 3.11 -18.54 -35.72
C ARG A 197 4.28 -17.59 -35.91
N ASN A 198 4.54 -16.76 -34.91
CA ASN A 198 5.60 -15.76 -34.93
C ASN A 198 6.44 -15.83 -33.67
N LEU A 199 6.84 -17.04 -33.29
CA LEU A 199 7.67 -17.23 -32.11
C LEU A 199 9.12 -16.86 -32.38
N GLU A 214 8.98 -23.76 -16.53
CA GLU A 214 9.73 -22.93 -17.46
C GLU A 214 9.98 -21.55 -16.87
N SER A 215 11.14 -21.36 -16.23
CA SER A 215 11.55 -20.09 -15.65
C SER A 215 10.51 -19.63 -14.61
N THR A 216 10.42 -20.40 -13.53
CA THR A 216 9.42 -20.17 -12.50
C THR A 216 9.62 -18.81 -11.83
N LEU A 217 8.61 -18.43 -11.04
CA LEU A 217 8.62 -17.12 -10.39
C LEU A 217 9.78 -17.00 -9.40
N GLN A 218 10.11 -18.08 -8.69
CA GLN A 218 11.19 -18.02 -7.73
C GLN A 218 12.52 -17.73 -8.41
N GLU A 219 12.75 -18.33 -9.58
CA GLU A 219 13.97 -18.02 -10.32
C GLU A 219 13.90 -16.63 -10.95
N LEU A 220 12.72 -16.19 -11.37
CA LEU A 220 12.58 -14.85 -11.95
C LEU A 220 12.92 -13.78 -10.92
N LEU A 221 12.44 -13.93 -9.69
CA LEU A 221 12.67 -12.94 -8.65
C LEU A 221 14.12 -12.92 -8.15
N LEU A 222 14.93 -13.92 -8.51
CA LEU A 222 16.32 -13.99 -8.08
C LEU A 222 17.27 -13.45 -9.14
N SER A 223 16.86 -12.44 -9.89
CA SER A 223 17.72 -11.81 -10.90
C SER A 223 17.89 -10.33 -10.57
N PRO A 224 19.09 -9.78 -10.78
CA PRO A 224 19.33 -8.38 -10.42
C PRO A 224 18.81 -7.38 -11.45
N TYR A 225 18.55 -7.81 -12.69
CA TYR A 225 18.07 -6.88 -13.70
C TYR A 225 16.70 -6.32 -13.32
N LEU A 226 15.85 -7.14 -12.71
CA LEU A 226 14.53 -6.68 -12.30
C LEU A 226 14.64 -5.53 -11.30
N TRP A 227 15.54 -5.66 -10.32
CA TRP A 227 15.68 -4.61 -9.32
C TRP A 227 16.40 -3.39 -9.88
N VAL A 228 17.32 -3.58 -10.82
CA VAL A 228 17.94 -2.44 -11.50
C VAL A 228 16.87 -1.63 -12.23
N LEU A 229 16.01 -2.31 -12.98
CA LEU A 229 14.93 -1.63 -13.69
C LEU A 229 13.95 -0.97 -12.72
N SER A 230 13.66 -1.63 -11.60
CA SER A 230 12.75 -1.07 -10.61
C SER A 230 13.31 0.23 -10.04
N THR A 231 14.60 0.25 -9.70
CA THR A 231 15.19 1.48 -9.15
C THR A 231 15.26 2.58 -10.19
N GLY A 232 15.58 2.23 -11.43
CA GLY A 232 15.57 3.22 -12.49
C GLY A 232 14.20 3.86 -12.68
N TYR A 233 13.14 3.03 -12.69
CA TYR A 233 11.80 3.56 -12.81
C TYR A 233 11.44 4.42 -11.61
N LEU A 234 11.79 3.96 -10.41
CA LEU A 234 11.67 4.77 -9.21
C LEU A 234 12.16 6.19 -9.44
N VAL A 235 13.45 6.31 -9.79
CA VAL A 235 14.07 7.63 -9.87
C VAL A 235 13.44 8.46 -10.99
N VAL A 236 13.23 7.86 -12.16
CA VAL A 236 12.72 8.61 -13.30
C VAL A 236 11.32 9.13 -13.01
N PHE A 237 10.43 8.25 -12.53
CA PHE A 237 9.07 8.67 -12.24
C PHE A 237 9.03 9.70 -11.12
N GLY A 238 9.85 9.53 -10.09
CA GLY A 238 9.86 10.49 -9.00
C GLY A 238 10.28 11.88 -9.46
N VAL A 239 11.33 11.94 -10.27
CA VAL A 239 11.79 13.25 -10.76
C VAL A 239 10.76 13.88 -11.68
N LYS A 240 10.17 13.08 -12.57
CA LYS A 240 9.14 13.63 -13.47
C LYS A 240 7.96 14.17 -12.68
N THR A 241 7.51 13.44 -11.66
CA THR A 241 6.40 13.90 -10.84
C THR A 241 6.75 15.17 -10.10
N CYS A 242 7.97 15.23 -9.53
CA CYS A 242 8.39 16.43 -8.83
C CYS A 242 8.33 17.65 -9.73
N CYS A 243 8.95 17.55 -10.91
CA CYS A 243 8.97 18.70 -11.82
C CYS A 243 7.57 19.07 -12.27
N THR A 244 6.77 18.09 -12.69
CA THR A 244 5.43 18.38 -13.18
C THR A 244 4.57 19.04 -12.10
N ASP A 245 4.67 18.58 -10.86
CA ASP A 245 3.83 19.10 -9.80
C ASP A 245 4.28 20.48 -9.32
N TRP A 246 5.59 20.74 -9.22
CA TRP A 246 6.05 21.95 -8.54
C TRP A 246 6.80 22.94 -9.43
N GLY A 247 6.82 22.74 -10.76
CA GLY A 247 7.50 23.70 -11.61
C GLY A 247 6.82 25.06 -11.61
N GLN A 248 5.49 25.08 -11.70
CA GLN A 248 4.77 26.35 -11.66
C GLN A 248 4.97 27.06 -10.33
N PHE A 249 4.95 26.31 -9.22
CA PHE A 249 5.18 26.89 -7.91
C PHE A 249 6.57 27.51 -7.82
N PHE A 250 7.60 26.78 -8.27
CA PHE A 250 8.95 27.32 -8.27
C PHE A 250 9.03 28.59 -9.10
N LEU A 251 8.50 28.54 -10.33
CA LEU A 251 8.60 29.68 -11.25
C LEU A 251 7.88 30.90 -10.70
N ILE A 252 6.73 30.71 -10.06
CA ILE A 252 5.94 31.85 -9.57
C ILE A 252 6.51 32.41 -8.28
N GLN A 253 6.89 31.56 -7.33
CA GLN A 253 7.27 32.03 -6.00
C GLN A 253 8.76 32.29 -5.84
N GLU A 254 9.60 31.91 -6.80
CA GLU A 254 11.01 32.25 -6.63
C GLU A 254 11.61 32.97 -7.83
N LYS A 255 11.22 32.59 -9.05
CA LYS A 255 11.77 33.24 -10.24
C LYS A 255 11.14 34.61 -10.46
N GLY A 256 9.90 34.80 -10.05
CA GLY A 256 9.22 36.07 -10.24
C GLY A 256 8.47 36.21 -11.54
N GLN A 257 8.15 35.11 -12.21
CA GLN A 257 7.43 35.17 -13.48
C GLN A 257 5.92 35.28 -13.23
N SER A 258 5.17 35.49 -14.30
CA SER A 258 3.74 35.71 -14.21
C SER A 258 3.01 34.37 -14.12
N ALA A 259 1.69 34.40 -14.23
CA ALA A 259 0.85 33.21 -14.08
C ALA A 259 0.53 32.54 -15.41
N LEU A 260 0.99 33.08 -16.53
CA LEU A 260 0.80 32.46 -17.84
C LEU A 260 2.04 31.72 -18.32
N VAL A 261 3.22 32.14 -17.89
CA VAL A 261 4.46 31.45 -18.26
C VAL A 261 4.44 30.03 -17.72
N GLY A 262 3.85 29.82 -16.55
CA GLY A 262 3.72 28.47 -16.02
C GLY A 262 2.84 27.58 -16.89
N SER A 263 1.71 28.13 -17.36
CA SER A 263 0.83 27.36 -18.24
C SER A 263 1.52 27.04 -19.56
N SER A 264 2.23 28.01 -20.13
CA SER A 264 2.97 27.74 -21.36
C SER A 264 4.05 26.70 -21.13
N TYR A 265 4.74 26.76 -19.99
CA TYR A 265 5.79 25.80 -19.69
C TYR A 265 5.22 24.39 -19.54
N MET A 266 4.04 24.27 -18.91
CA MET A 266 3.38 22.97 -18.82
C MET A 266 2.99 22.44 -20.19
N SER A 267 2.43 23.30 -21.05
CA SER A 267 2.03 22.86 -22.38
C SER A 267 3.24 22.38 -23.18
N ALA A 268 4.33 23.13 -23.12
CA ALA A 268 5.56 22.73 -23.81
C ALA A 268 6.08 21.42 -23.26
N LEU A 269 6.02 21.25 -21.93
CA LEU A 269 6.47 19.99 -21.32
C LEU A 269 5.67 18.81 -21.86
N GLU A 270 4.35 18.95 -21.93
CA GLU A 270 3.51 17.84 -22.38
C GLU A 270 3.78 17.51 -23.86
N VAL A 271 3.85 18.55 -24.70
CA VAL A 271 4.07 18.30 -26.13
C VAL A 271 5.43 17.66 -26.36
N GLY A 272 6.47 18.19 -25.72
CA GLY A 272 7.79 17.61 -25.86
C GLY A 272 7.84 16.19 -25.34
N GLY A 273 7.09 15.89 -24.27
CA GLY A 273 7.07 14.54 -23.75
C GLY A 273 6.43 13.55 -24.70
N LEU A 274 5.32 13.92 -25.33
CA LEU A 274 4.70 13.03 -26.32
C LEU A 274 5.65 12.77 -27.49
N VAL A 275 6.26 13.85 -28.01
CA VAL A 275 7.20 13.70 -29.11
C VAL A 275 8.36 12.81 -28.71
N GLY A 276 8.88 13.01 -27.50
CA GLY A 276 10.02 12.22 -27.05
C GLY A 276 9.68 10.76 -26.86
N SER A 277 8.47 10.47 -26.36
CA SER A 277 8.07 9.08 -26.21
C SER A 277 8.03 8.37 -27.56
N ILE A 278 7.38 8.99 -28.55
CA ILE A 278 7.30 8.37 -29.87
C ILE A 278 8.70 8.18 -30.46
N ALA A 279 9.52 9.23 -30.40
CA ALA A 279 10.85 9.18 -31.00
C ALA A 279 11.74 8.15 -30.31
N ALA A 280 11.66 8.08 -28.97
CA ALA A 280 12.45 7.11 -28.23
C ALA A 280 12.07 5.69 -28.63
N GLY A 281 10.77 5.41 -28.70
CA GLY A 281 10.34 4.09 -29.12
C GLY A 281 10.86 3.72 -30.49
N TYR A 282 10.70 4.64 -31.46
CA TYR A 282 11.09 4.34 -32.83
C TYR A 282 12.61 4.13 -32.94
N LEU A 283 13.39 5.05 -32.36
CA LEU A 283 14.84 4.96 -32.48
C LEU A 283 15.38 3.74 -31.73
N SER A 284 14.81 3.41 -30.57
CA SER A 284 15.26 2.23 -29.85
C SER A 284 14.96 0.96 -30.63
N ASP A 285 13.77 0.87 -31.25
CA ASP A 285 13.47 -0.28 -32.06
C ASP A 285 14.41 -0.40 -33.25
N ARG A 286 14.73 0.74 -33.88
CA ARG A 286 15.68 0.71 -34.99
C ARG A 286 17.05 0.24 -34.55
N ALA A 287 17.52 0.72 -33.39
CA ALA A 287 18.83 0.31 -32.88
C ALA A 287 18.86 -1.17 -32.56
N MET A 288 17.78 -1.70 -31.94
CA MET A 288 17.74 -3.13 -31.65
C MET A 288 17.70 -3.95 -32.94
N ALA A 289 16.96 -3.49 -33.95
CA ALA A 289 16.94 -4.19 -35.22
C ALA A 289 18.32 -4.20 -35.88
N LYS A 290 19.03 -3.08 -35.81
CA LYS A 290 20.35 -3.00 -36.43
C LYS A 290 21.36 -3.89 -35.70
N ALA A 291 21.42 -3.80 -34.38
CA ALA A 291 22.42 -4.52 -33.62
C ALA A 291 22.03 -5.99 -33.46
N GLY A 292 23.00 -6.79 -33.00
CA GLY A 292 22.77 -8.19 -32.75
C GLY A 292 22.18 -8.45 -31.37
N LEU A 293 22.12 -9.74 -31.03
CA LEU A 293 21.57 -10.17 -29.75
C LEU A 293 22.57 -11.07 -29.04
N SER A 294 22.62 -10.92 -27.71
CA SER A 294 23.51 -11.72 -26.87
C SER A 294 22.90 -11.82 -25.47
N ASN A 295 23.42 -12.76 -24.69
CA ASN A 295 22.87 -12.98 -23.36
C ASN A 295 23.21 -11.84 -22.40
N TYR A 296 24.23 -11.05 -22.70
CA TYR A 296 24.67 -9.96 -21.84
C TYR A 296 24.42 -8.63 -22.52
N GLY A 297 23.86 -7.68 -21.78
CA GLY A 297 23.62 -6.35 -22.29
C GLY A 297 22.25 -6.19 -22.92
N ASN A 298 22.04 -5.02 -23.51
CA ASN A 298 20.80 -4.68 -24.18
C ASN A 298 21.09 -3.55 -25.17
N PRO A 299 20.65 -3.67 -26.42
CA PRO A 299 20.87 -2.58 -27.39
C PRO A 299 20.07 -1.32 -27.09
N ARG A 300 19.08 -1.38 -26.20
CA ARG A 300 18.22 -0.24 -25.92
C ARG A 300 18.77 0.66 -24.82
N HIS A 301 19.92 0.35 -24.25
CA HIS A 301 20.44 1.09 -23.11
C HIS A 301 21.06 2.44 -23.49
N GLY A 302 21.57 2.58 -24.72
CA GLY A 302 22.23 3.82 -25.10
C GLY A 302 21.29 5.00 -25.10
N LEU A 303 20.11 4.83 -25.70
CA LEU A 303 19.12 5.91 -25.70
C LEU A 303 18.66 6.24 -24.29
N LEU A 304 18.48 5.21 -23.46
CA LEU A 304 18.05 5.46 -22.07
C LEU A 304 19.08 6.29 -21.33
N LEU A 305 20.37 5.94 -21.46
CA LEU A 305 21.41 6.71 -20.79
C LEU A 305 21.50 8.13 -21.34
N PHE A 306 21.39 8.29 -22.66
CA PHE A 306 21.44 9.62 -23.25
C PHE A 306 20.31 10.50 -22.75
N MET A 307 19.09 9.96 -22.69
CA MET A 307 17.96 10.75 -22.22
C MET A 307 18.06 11.05 -20.74
N MET A 308 18.61 10.13 -19.94
CA MET A 308 18.82 10.41 -18.53
C MET A 308 19.81 11.57 -18.35
N ALA A 309 20.91 11.55 -19.11
CA ALA A 309 21.88 12.63 -19.02
C ALA A 309 21.27 13.96 -19.47
N GLY A 310 20.48 13.93 -20.54
CA GLY A 310 19.81 15.14 -20.98
C GLY A 310 18.85 15.69 -19.95
N MET A 311 18.12 14.80 -19.26
CA MET A 311 17.22 15.23 -18.19
C MET A 311 17.98 15.92 -17.08
N THR A 312 19.12 15.32 -16.65
CA THR A 312 19.90 15.93 -15.58
C THR A 312 20.45 17.30 -16.00
N VAL A 313 20.96 17.40 -17.22
CA VAL A 313 21.53 18.67 -17.67
C VAL A 313 20.44 19.73 -17.78
N SER A 314 19.26 19.36 -18.29
CA SER A 314 18.16 20.31 -18.39
C SER A 314 17.69 20.76 -17.00
N MET A 315 17.66 19.84 -16.04
CA MET A 315 17.33 20.22 -14.66
C MET A 315 18.30 21.26 -14.13
N TYR A 316 19.61 21.00 -14.30
CA TYR A 316 20.60 21.95 -13.82
C TYR A 316 20.45 23.31 -14.49
N LEU A 317 20.24 23.32 -15.81
CA LEU A 317 20.12 24.59 -16.53
C LEU A 317 18.88 25.36 -16.08
N PHE A 318 17.75 24.66 -15.92
CA PHE A 318 16.54 25.33 -15.46
C PHE A 318 16.72 25.90 -14.06
N ARG A 319 17.38 25.15 -13.18
CA ARG A 319 17.56 25.63 -11.81
C ARG A 319 18.48 26.85 -11.76
N VAL A 320 19.56 26.84 -12.54
CA VAL A 320 20.61 27.84 -12.36
C VAL A 320 20.41 29.04 -13.29
N THR A 321 20.24 28.81 -14.59
CA THR A 321 20.32 29.88 -15.59
C THR A 321 18.97 30.48 -15.93
N VAL A 322 18.02 30.49 -15.00
CA VAL A 322 16.70 31.09 -15.22
C VAL A 322 16.52 32.16 -14.14
N THR A 323 16.76 33.42 -14.49
CA THR A 323 16.62 34.53 -13.58
C THR A 323 15.26 35.19 -13.77
N SER A 324 15.04 36.33 -13.13
CA SER A 324 13.78 37.06 -13.26
C SER A 324 13.66 37.82 -14.57
N ASP A 325 14.74 37.88 -15.38
CA ASP A 325 14.72 38.59 -16.64
C ASP A 325 14.96 37.67 -17.83
N SER A 326 14.80 36.36 -17.63
CA SER A 326 15.05 35.37 -18.72
C SER A 326 13.92 35.47 -19.76
N PRO A 327 14.20 35.40 -21.08
CA PRO A 327 13.16 35.40 -22.10
C PRO A 327 12.27 34.17 -21.99
N LYS A 328 11.02 34.33 -22.42
CA LYS A 328 10.04 33.25 -22.32
C LYS A 328 10.37 32.10 -23.27
N LEU A 329 11.03 32.40 -24.38
CA LEU A 329 11.45 31.35 -25.31
C LEU A 329 12.43 30.40 -24.65
N TRP A 330 13.33 30.92 -23.82
CA TRP A 330 14.28 30.08 -23.10
C TRP A 330 13.57 29.13 -22.15
N ILE A 331 12.56 29.63 -21.44
CA ILE A 331 11.79 28.77 -20.53
C ILE A 331 11.05 27.69 -21.32
N LEU A 332 10.46 28.05 -22.45
CA LEU A 332 9.76 27.07 -23.27
C LEU A 332 10.72 26.00 -23.78
N VAL A 333 11.92 26.40 -24.21
CA VAL A 333 12.90 25.44 -24.71
C VAL A 333 13.32 24.48 -23.61
N LEU A 334 13.60 25.02 -22.41
CA LEU A 334 14.00 24.16 -21.30
C LEU A 334 12.90 23.18 -20.93
N GLY A 335 11.65 23.66 -20.89
CA GLY A 335 10.54 22.76 -20.58
C GLY A 335 10.39 21.65 -21.61
N ALA A 336 10.50 22.00 -22.90
CA ALA A 336 10.38 20.99 -23.95
C ALA A 336 11.49 19.96 -23.85
N VAL A 337 12.73 20.40 -23.62
CA VAL A 337 13.84 19.46 -23.53
C VAL A 337 13.67 18.53 -22.33
N PHE A 338 13.28 19.08 -21.18
CA PHE A 338 13.07 18.21 -20.03
C PHE A 338 11.93 17.22 -20.26
N GLY A 339 10.84 17.68 -20.88
CA GLY A 339 9.74 16.77 -21.16
C GLY A 339 10.15 15.63 -22.08
N PHE A 340 10.88 15.96 -23.15
CA PHE A 340 11.44 14.95 -24.04
C PHE A 340 12.25 13.91 -23.26
N SER A 341 13.30 14.40 -22.57
CA SER A 341 14.25 13.51 -21.90
C SER A 341 13.67 12.82 -20.68
N SER A 342 12.52 13.24 -20.19
CA SER A 342 11.89 12.59 -19.05
C SER A 342 10.80 11.61 -19.45
N TYR A 343 10.11 11.84 -20.58
CA TYR A 343 9.07 10.95 -21.03
C TYR A 343 9.57 9.85 -21.95
N GLY A 344 10.77 9.99 -22.51
CA GLY A 344 11.36 8.88 -23.25
C GLY A 344 11.68 7.67 -22.40
N PRO A 345 12.47 7.86 -21.34
CA PRO A 345 12.89 6.72 -20.51
C PRO A 345 11.74 5.95 -19.85
N ILE A 346 10.60 6.59 -19.57
CA ILE A 346 9.49 5.87 -18.98
C ILE A 346 8.99 4.79 -19.94
N ALA A 347 8.76 5.17 -21.19
CA ALA A 347 8.35 4.20 -22.21
C ALA A 347 9.44 3.16 -22.43
N LEU A 348 10.71 3.58 -22.39
CA LEU A 348 11.79 2.61 -22.58
C LEU A 348 11.80 1.56 -21.48
N PHE A 349 11.64 1.98 -20.21
CA PHE A 349 11.56 1.03 -19.11
C PHE A 349 10.36 0.11 -19.27
N GLY A 350 9.21 0.67 -19.65
CA GLY A 350 8.02 -0.15 -19.83
C GLY A 350 8.21 -1.21 -20.90
N VAL A 351 8.86 -0.85 -22.01
CA VAL A 351 9.10 -1.82 -23.07
C VAL A 351 10.11 -2.87 -22.62
N ILE A 352 11.19 -2.45 -21.96
CA ILE A 352 12.27 -3.36 -21.62
C ILE A 352 11.83 -4.37 -20.57
N ALA A 353 11.13 -3.93 -19.53
CA ALA A 353 10.71 -4.82 -18.45
C ALA A 353 9.82 -5.96 -18.93
N ASN A 354 9.17 -5.81 -20.09
CA ASN A 354 8.34 -6.85 -20.68
C ASN A 354 9.07 -7.63 -21.76
N GLU A 355 9.93 -6.97 -22.55
CA GLU A 355 10.64 -7.67 -23.61
C GLU A 355 11.70 -8.61 -23.06
N SER A 356 12.51 -8.14 -22.11
CA SER A 356 13.63 -8.93 -21.59
C SER A 356 13.17 -9.85 -20.47
N ALA A 357 12.14 -10.63 -20.76
CA ALA A 357 11.53 -11.54 -19.81
C ALA A 357 11.24 -12.86 -20.52
N PRO A 358 11.07 -13.94 -19.77
CA PRO A 358 10.69 -15.22 -20.38
C PRO A 358 9.38 -15.09 -21.14
N PRO A 359 9.05 -16.05 -22.01
CA PRO A 359 7.77 -15.99 -22.73
C PRO A 359 6.57 -15.94 -21.81
N ASN A 360 6.65 -16.54 -20.62
CA ASN A 360 5.66 -16.36 -19.58
C ASN A 360 6.19 -15.36 -18.56
N LEU A 361 5.37 -15.06 -17.57
CA LEU A 361 5.68 -14.11 -16.50
C LEU A 361 5.98 -12.71 -17.02
N CYS A 362 5.39 -12.32 -18.16
CA CYS A 362 5.57 -10.96 -18.67
C CYS A 362 4.88 -9.95 -17.77
N GLY A 363 3.65 -10.24 -17.35
CA GLY A 363 2.94 -9.34 -16.47
C GLY A 363 3.58 -9.25 -15.09
N THR A 364 4.09 -10.37 -14.59
CA THR A 364 4.76 -10.37 -13.29
C THR A 364 6.08 -9.61 -13.35
N SER A 365 6.60 -9.40 -14.55
CA SER A 365 7.83 -8.64 -14.76
C SER A 365 7.57 -7.15 -14.94
N HIS A 366 6.32 -6.71 -14.80
CA HIS A 366 5.96 -5.32 -15.03
C HIS A 366 5.15 -4.80 -13.85
N ALA A 367 4.49 -5.71 -13.13
CA ALA A 367 3.71 -5.33 -11.97
C ALA A 367 4.58 -4.72 -10.87
N ILE A 368 5.75 -5.31 -10.63
CA ILE A 368 6.67 -4.83 -9.61
C ILE A 368 7.18 -3.45 -9.99
N VAL A 369 7.46 -3.26 -11.29
CA VAL A 369 7.90 -1.96 -11.78
C VAL A 369 6.83 -0.91 -11.54
N GLY A 370 5.58 -1.25 -11.80
CA GLY A 370 4.49 -0.32 -11.50
C GLY A 370 4.36 0.00 -10.03
N LEU A 371 4.55 -1.01 -9.17
CA LEU A 371 4.53 -0.78 -7.73
C LEU A 371 5.61 0.21 -7.31
N MET A 372 6.82 0.03 -7.86
CA MET A 372 7.89 0.98 -7.60
C MET A 372 7.53 2.38 -8.09
N ALA A 373 6.85 2.46 -9.23
CA ALA A 373 6.39 3.77 -9.71
C ALA A 373 5.45 4.43 -8.70
N ASN A 374 4.54 3.65 -8.13
CA ASN A 374 3.62 4.21 -7.14
C ASN A 374 4.36 4.74 -5.91
N VAL A 375 5.29 3.95 -5.37
CA VAL A 375 6.00 4.42 -4.18
C VAL A 375 6.88 5.63 -4.50
N GLY A 376 7.44 5.66 -5.72
CA GLY A 376 8.20 6.84 -6.13
C GLY A 376 7.33 8.08 -6.26
N GLY A 377 6.08 7.89 -6.70
CA GLY A 377 5.15 9.02 -6.72
C GLY A 377 4.86 9.54 -5.34
N PHE A 378 4.67 8.65 -4.36
CA PHE A 378 4.45 9.11 -2.98
C PHE A 378 5.65 9.87 -2.45
N LEU A 379 6.86 9.37 -2.75
CA LEU A 379 8.08 10.06 -2.33
C LEU A 379 8.21 11.42 -3.00
N ALA A 380 7.87 11.51 -4.28
CA ALA A 380 7.90 12.80 -4.97
C ALA A 380 6.86 13.76 -4.40
N GLY A 381 5.76 13.22 -3.88
CA GLY A 381 4.72 14.07 -3.32
C GLY A 381 5.03 14.68 -1.97
N LEU A 382 5.13 13.84 -0.93
CA LEU A 382 5.11 14.45 0.41
C LEU A 382 6.45 15.03 0.88
N PRO A 383 7.53 14.23 0.96
CA PRO A 383 8.78 14.78 1.50
C PRO A 383 9.36 15.93 0.69
N PHE A 384 9.20 15.88 -0.63
CA PHE A 384 9.68 16.99 -1.46
C PHE A 384 8.98 18.28 -1.09
N SER A 385 7.66 18.23 -0.91
CA SER A 385 6.90 19.41 -0.52
C SER A 385 7.34 19.93 0.84
N THR A 386 7.55 19.03 1.81
CA THR A 386 7.93 19.53 3.13
C THR A 386 9.35 20.12 3.12
N ILE A 387 10.27 19.53 2.36
CA ILE A 387 11.61 20.09 2.25
C ILE A 387 11.55 21.47 1.62
N ALA A 388 10.76 21.61 0.55
CA ALA A 388 10.63 22.90 -0.11
C ALA A 388 10.02 23.94 0.83
N LYS A 389 9.03 23.54 1.62
CA LYS A 389 8.42 24.46 2.57
C LYS A 389 9.42 24.92 3.62
N HIS A 390 10.27 24.00 4.10
CA HIS A 390 11.18 24.37 5.17
C HIS A 390 12.39 25.15 4.67
N TYR A 391 13.19 24.57 3.79
CA TYR A 391 14.40 25.27 3.34
C TYR A 391 14.10 26.24 2.19
N SER A 392 13.75 25.70 1.02
CA SER A 392 13.45 26.49 -0.17
C SER A 392 13.11 25.52 -1.30
N TRP A 393 12.66 26.08 -2.42
CA TRP A 393 12.45 25.28 -3.62
C TRP A 393 13.77 24.94 -4.32
N SER A 394 14.74 25.85 -4.25
CA SER A 394 16.04 25.60 -4.86
C SER A 394 16.73 24.39 -4.24
N THR A 395 16.67 24.28 -2.91
CA THR A 395 17.29 23.15 -2.23
C THR A 395 16.61 21.84 -2.60
N ALA A 396 15.28 21.84 -2.67
CA ALA A 396 14.55 20.62 -3.04
C ALA A 396 14.88 20.18 -4.45
N PHE A 397 14.92 21.12 -5.40
CA PHE A 397 15.25 20.77 -6.76
C PHE A 397 16.72 20.35 -6.90
N TRP A 398 17.60 20.95 -6.10
CA TRP A 398 19.00 20.50 -6.07
C TRP A 398 19.11 19.07 -5.57
N VAL A 399 18.35 18.73 -4.53
CA VAL A 399 18.35 17.36 -4.03
C VAL A 399 17.87 16.39 -5.10
N ALA A 400 16.79 16.74 -5.79
CA ALA A 400 16.27 15.87 -6.85
C ALA A 400 17.30 15.70 -7.97
N GLU A 401 17.96 16.78 -8.37
CA GLU A 401 18.95 16.70 -9.43
C GLU A 401 20.14 15.85 -9.02
N VAL A 402 20.59 15.98 -7.77
CA VAL A 402 21.72 15.18 -7.30
C VAL A 402 21.35 13.69 -7.29
N ILE A 403 20.14 13.38 -6.82
CA ILE A 403 19.69 11.98 -6.83
C ILE A 403 19.65 11.44 -8.24
N CYS A 404 19.12 12.22 -9.19
CA CYS A 404 19.06 11.76 -10.57
C CYS A 404 20.45 11.53 -11.15
N ALA A 405 21.38 12.44 -10.87
CA ALA A 405 22.74 12.27 -11.40
C ALA A 405 23.41 11.02 -10.82
N ALA A 406 23.24 10.79 -9.51
CA ALA A 406 23.83 9.59 -8.91
C ALA A 406 23.22 8.33 -9.51
N SER A 407 21.90 8.35 -9.72
CA SER A 407 21.21 7.17 -10.32
C SER A 407 21.78 6.93 -11.73
N THR A 408 21.90 7.99 -12.53
CA THR A 408 22.44 7.84 -13.87
C THR A 408 23.84 7.26 -13.85
N ALA A 409 24.68 7.72 -12.93
CA ALA A 409 26.04 7.18 -12.83
C ALA A 409 26.01 5.70 -12.48
N ALA A 410 25.16 5.31 -11.53
CA ALA A 410 25.06 3.89 -11.18
C ALA A 410 24.56 3.05 -12.34
N PHE A 411 23.56 3.56 -13.08
CA PHE A 411 23.03 2.83 -14.22
C PHE A 411 24.09 2.65 -15.30
N PHE A 412 24.89 3.68 -15.56
CA PHE A 412 25.97 3.52 -16.53
C PHE A 412 27.01 2.53 -16.04
N LEU A 413 27.31 2.54 -14.74
CA LEU A 413 28.27 1.58 -14.19
C LEU A 413 27.76 0.15 -14.30
N LEU A 414 26.45 -0.06 -14.23
CA LEU A 414 25.86 -1.39 -14.29
C LEU A 414 25.25 -1.69 -15.66
N ARG A 415 25.91 -1.26 -16.74
CA ARG A 415 25.33 -1.41 -18.08
C ARG A 415 25.36 -2.87 -18.53
N ASN A 416 26.55 -3.45 -18.63
CA ASN A 416 26.71 -4.82 -19.14
C ASN A 416 26.56 -5.80 -17.98
N ILE A 417 25.35 -6.35 -17.83
CA ILE A 417 25.04 -7.25 -16.74
C ILE A 417 24.18 -8.40 -17.30
N ARG A 418 23.91 -9.39 -16.44
CA ARG A 418 22.99 -10.47 -16.81
C ARG A 418 21.61 -9.90 -17.12
N THR A 419 21.24 -9.90 -18.40
CA THR A 419 20.01 -9.23 -18.83
C THR A 419 18.81 -10.18 -18.81
N LYS A 420 18.89 -11.29 -19.55
CA LYS A 420 17.77 -12.21 -19.63
C LYS A 420 17.53 -12.86 -18.27
N MET A 421 16.44 -12.47 -17.60
CA MET A 421 16.09 -13.06 -16.33
C MET A 421 15.36 -14.38 -16.53
N GLY A 422 15.36 -15.20 -15.48
CA GLY A 422 14.71 -16.50 -15.52
C GLY A 422 15.13 -17.40 -14.38
N GLY B 5 17.76 -27.52 32.38
CA GLY B 5 16.38 -27.86 32.61
C GLY B 5 15.41 -27.14 31.69
N TYR B 6 14.33 -27.84 31.33
CA TYR B 6 13.34 -27.23 30.44
C TYR B 6 12.75 -25.97 31.05
N GLY B 7 12.36 -26.03 32.32
CA GLY B 7 11.79 -24.87 32.97
C GLY B 7 12.77 -23.71 33.06
N TYR B 8 14.03 -24.01 33.38
CA TYR B 8 15.04 -22.97 33.48
C TYR B 8 15.26 -22.28 32.14
N TYR B 9 15.40 -23.08 31.08
CA TYR B 9 15.63 -22.50 29.75
C TYR B 9 14.42 -21.71 29.28
N ARG B 10 13.21 -22.22 29.51
CA ARG B 10 12.01 -21.50 29.12
C ARG B 10 11.89 -20.18 29.88
N THR B 11 12.22 -20.20 31.18
CA THR B 11 12.16 -18.98 31.98
C THR B 11 13.16 -17.95 31.46
N VAL B 12 14.38 -18.38 31.14
CA VAL B 12 15.40 -17.44 30.67
C VAL B 12 14.99 -16.82 29.34
N ILE B 13 14.53 -17.67 28.40
CA ILE B 13 14.11 -17.15 27.09
C ILE B 13 12.93 -16.21 27.24
N PHE B 14 11.96 -16.57 28.09
CA PHE B 14 10.79 -15.72 28.30
C PHE B 14 11.17 -14.38 28.90
N SER B 15 12.07 -14.37 29.88
CA SER B 15 12.49 -13.11 30.49
C SER B 15 13.19 -12.21 29.48
N ALA B 16 14.13 -12.78 28.70
CA ALA B 16 14.81 -11.98 27.70
C ALA B 16 13.84 -11.43 26.66
N MET B 17 12.90 -12.27 26.22
CA MET B 17 11.88 -11.84 25.23
C MET B 17 11.08 -10.68 25.81
N PHE B 18 10.56 -10.85 27.04
CA PHE B 18 9.76 -9.82 27.70
C PHE B 18 10.50 -8.50 27.73
N GLY B 19 11.75 -8.52 28.20
CA GLY B 19 12.52 -7.28 28.26
C GLY B 19 12.74 -6.65 26.89
N GLY B 20 13.10 -7.48 25.90
CA GLY B 20 13.33 -6.96 24.57
C GLY B 20 12.10 -6.29 23.98
N TYR B 21 10.95 -6.96 24.12
CA TYR B 21 9.70 -6.42 23.53
C TYR B 21 9.26 -5.14 24.26
N SER B 22 9.43 -5.10 25.59
CA SER B 22 9.07 -3.90 26.33
C SER B 22 9.94 -2.71 25.90
N LEU B 23 11.25 -2.94 25.73
CA LEU B 23 12.12 -1.87 25.25
C LEU B 23 11.75 -1.45 23.83
N TYR B 24 11.39 -2.42 22.99
CA TYR B 24 10.93 -2.10 21.64
C TYR B 24 9.78 -1.10 21.67
N TYR B 25 8.76 -1.38 22.47
CA TYR B 25 7.59 -0.50 22.48
C TYR B 25 7.91 0.85 23.12
N PHE B 26 8.71 0.86 24.18
CA PHE B 26 9.07 2.13 24.79
C PHE B 26 9.79 3.04 23.79
N ASN B 27 10.73 2.48 23.03
CA ASN B 27 11.43 3.27 22.03
C ASN B 27 10.57 3.58 20.81
N ARG B 28 9.49 2.82 20.58
CA ARG B 28 8.51 3.22 19.58
C ARG B 28 7.79 4.50 19.99
N LYS B 29 7.40 4.57 21.27
CA LYS B 29 6.55 5.68 21.72
C LYS B 29 7.32 6.82 22.39
N THR B 30 8.65 6.76 22.45
CA THR B 30 9.41 7.78 23.17
C THR B 30 9.22 9.19 22.61
N PHE B 31 9.07 9.33 21.29
CA PHE B 31 8.89 10.67 20.72
C PHE B 31 7.56 11.28 21.17
N SER B 32 6.49 10.50 21.14
CA SER B 32 5.21 10.99 21.67
C SER B 32 5.31 11.27 23.15
N PHE B 33 6.14 10.51 23.87
CA PHE B 33 6.33 10.76 25.29
C PHE B 33 6.99 12.11 25.54
N VAL B 34 8.02 12.45 24.78
CA VAL B 34 8.84 13.63 25.06
C VAL B 34 8.51 14.81 24.14
N MET B 35 7.43 14.71 23.35
CA MET B 35 7.07 15.80 22.46
C MET B 35 6.92 17.17 23.11
N PRO B 36 6.27 17.34 24.27
CA PRO B 36 6.09 18.71 24.79
C PRO B 36 7.39 19.47 25.02
N SER B 37 8.45 18.80 25.49
CA SER B 37 9.70 19.50 25.77
C SER B 37 10.33 20.02 24.49
N LEU B 38 10.41 19.19 23.45
CA LEU B 38 11.01 19.65 22.21
C LEU B 38 10.11 20.64 21.49
N VAL B 39 8.79 20.56 21.70
CA VAL B 39 7.90 21.58 21.16
C VAL B 39 8.15 22.93 21.84
N GLU B 40 8.35 22.92 23.16
CA GLU B 40 8.70 24.14 23.86
C GLU B 40 10.04 24.70 23.39
N GLU B 41 11.03 23.84 23.19
CA GLU B 41 12.35 24.28 22.76
C GLU B 41 12.33 24.83 21.34
N ILE B 42 11.99 24.00 20.36
CA ILE B 42 11.85 24.40 18.97
C ILE B 42 10.38 24.30 18.59
N PRO B 43 9.75 25.42 18.27
CA PRO B 43 8.33 25.40 17.90
C PRO B 43 8.07 24.56 16.67
N LEU B 44 6.96 23.83 16.69
CA LEU B 44 6.50 23.06 15.54
C LEU B 44 5.00 23.27 15.37
N ASP B 45 4.53 23.12 14.14
CA ASP B 45 3.11 23.23 13.84
C ASP B 45 2.50 21.82 13.78
N LYS B 46 1.20 21.75 13.50
CA LYS B 46 0.50 20.48 13.57
C LYS B 46 0.80 19.58 12.38
N ASP B 47 1.31 20.13 11.28
CA ASP B 47 1.58 19.32 10.11
C ASP B 47 2.83 18.46 10.29
N ASP B 48 3.86 19.00 10.94
CA ASP B 48 5.13 18.27 11.06
C ASP B 48 4.97 17.01 11.90
N LEU B 49 4.26 17.10 13.02
CA LEU B 49 4.07 15.92 13.88
C LEU B 49 3.29 14.83 13.14
N GLY B 50 2.24 15.22 12.42
CA GLY B 50 1.49 14.26 11.63
C GLY B 50 2.34 13.62 10.55
N PHE B 51 3.19 14.41 9.90
CA PHE B 51 4.07 13.86 8.87
C PHE B 51 5.05 12.85 9.45
N ILE B 52 5.63 13.17 10.62
CA ILE B 52 6.59 12.26 11.25
C ILE B 52 5.89 10.95 11.64
N THR B 53 4.72 11.06 12.28
CA THR B 53 4.01 9.85 12.70
C THR B 53 3.57 9.02 11.50
N SER B 54 3.14 9.68 10.42
CA SER B 54 2.73 8.98 9.21
C SER B 54 3.90 8.23 8.58
N SER B 55 5.08 8.87 8.52
CA SER B 55 6.25 8.19 7.97
C SER B 55 6.60 6.96 8.81
N GLN B 56 6.58 7.12 10.14
CA GLN B 56 6.87 5.96 10.99
C GLN B 56 5.86 4.85 10.77
N SER B 57 4.58 5.19 10.65
CA SER B 57 3.54 4.17 10.48
C SER B 57 3.69 3.42 9.16
N ALA B 58 3.94 4.15 8.07
CA ALA B 58 4.11 3.50 6.78
C ALA B 58 5.33 2.59 6.78
N ALA B 59 6.44 3.07 7.33
CA ALA B 59 7.64 2.23 7.43
C ALA B 59 7.37 0.99 8.26
N TYR B 60 6.65 1.14 9.37
CA TYR B 60 6.34 0.01 10.23
C TYR B 60 5.53 -1.03 9.48
N ALA B 61 4.51 -0.60 8.73
CA ALA B 61 3.68 -1.55 8.02
C ALA B 61 4.48 -2.32 6.97
N ILE B 62 5.24 -1.60 6.14
CA ILE B 62 5.99 -2.25 5.08
C ILE B 62 7.02 -3.22 5.67
N SER B 63 7.79 -2.74 6.64
CA SER B 63 8.82 -3.58 7.28
C SER B 63 8.16 -4.81 7.91
N LYS B 64 7.04 -4.60 8.60
CA LYS B 64 6.37 -5.71 9.27
C LYS B 64 6.03 -6.82 8.28
N PHE B 65 5.44 -6.45 7.14
CA PHE B 65 5.13 -7.46 6.13
C PHE B 65 6.40 -8.15 5.63
N VAL B 66 7.43 -7.36 5.32
CA VAL B 66 8.65 -7.93 4.74
C VAL B 66 9.35 -8.84 5.73
N SER B 67 9.46 -8.42 6.99
CA SER B 67 10.14 -9.22 8.00
C SER B 67 9.33 -10.45 8.37
N GLY B 68 7.99 -10.36 8.31
CA GLY B 68 7.19 -11.55 8.49
C GLY B 68 7.43 -12.57 7.39
N VAL B 69 7.55 -12.09 6.15
CA VAL B 69 7.83 -13.00 5.05
C VAL B 69 9.22 -13.63 5.20
N LEU B 70 10.21 -12.81 5.59
CA LEU B 70 11.60 -13.23 5.59
C LEU B 70 12.03 -13.93 6.89
N SER B 71 11.19 -13.94 7.92
CA SER B 71 11.61 -14.42 9.22
C SER B 71 11.84 -15.93 9.25
N ASP B 72 11.44 -16.65 8.21
CA ASP B 72 11.61 -18.09 8.14
C ASP B 72 12.91 -18.51 7.45
N GLN B 73 13.72 -17.55 7.00
CA GLN B 73 14.97 -17.84 6.32
C GLN B 73 16.20 -17.39 7.10
N MET B 74 16.01 -16.70 8.23
CA MET B 74 17.11 -16.17 9.02
C MET B 74 16.87 -16.48 10.48
N SER B 75 17.93 -16.42 11.28
CA SER B 75 17.84 -16.81 12.67
C SER B 75 17.12 -15.76 13.51
N ALA B 76 16.22 -16.23 14.37
CA ALA B 76 15.39 -15.36 15.18
C ALA B 76 16.22 -14.52 16.14
N ARG B 77 17.24 -15.14 16.75
CA ARG B 77 18.07 -14.41 17.71
C ARG B 77 18.78 -13.24 17.06
N TRP B 78 19.40 -13.48 15.89
CA TRP B 78 20.09 -12.41 15.19
C TRP B 78 19.12 -11.34 14.72
N LEU B 79 17.94 -11.74 14.23
CA LEU B 79 16.94 -10.75 13.82
C LEU B 79 16.54 -9.86 14.98
N PHE B 80 16.25 -10.47 16.14
CA PHE B 80 15.84 -9.72 17.33
C PHE B 80 16.93 -8.74 17.76
N SER B 81 18.16 -9.23 17.90
CA SER B 81 19.24 -8.37 18.36
C SER B 81 19.54 -7.24 17.39
N SER B 82 19.54 -7.53 16.08
CA SER B 82 19.79 -6.49 15.10
C SER B 82 18.71 -5.42 15.13
N GLY B 83 17.44 -5.84 15.23
CA GLY B 83 16.38 -4.86 15.31
C GLY B 83 16.51 -3.96 16.52
N LEU B 84 16.79 -4.56 17.69
CA LEU B 84 16.95 -3.75 18.89
C LEU B 84 18.13 -2.80 18.79
N LEU B 85 19.26 -3.25 18.25
CA LEU B 85 20.42 -2.38 18.10
C LEU B 85 20.13 -1.21 17.16
N LEU B 86 19.47 -1.48 16.03
CA LEU B 86 19.13 -0.40 15.11
C LEU B 86 18.15 0.59 15.74
N VAL B 87 17.19 0.09 16.52
CA VAL B 87 16.25 0.98 17.20
C VAL B 87 17.00 1.90 18.17
N GLY B 88 17.92 1.34 18.96
CA GLY B 88 18.68 2.16 19.88
C GLY B 88 19.53 3.20 19.17
N LEU B 89 20.20 2.79 18.09
CA LEU B 89 21.03 3.73 17.34
C LEU B 89 20.19 4.84 16.72
N VAL B 90 19.01 4.51 16.20
CA VAL B 90 18.14 5.51 15.61
C VAL B 90 17.69 6.51 16.67
N ASN B 91 17.34 6.02 17.87
CA ASN B 91 16.97 6.94 18.93
C ASN B 91 18.13 7.86 19.31
N ILE B 92 19.34 7.30 19.42
CA ILE B 92 20.50 8.11 19.79
C ILE B 92 20.74 9.20 18.75
N PHE B 93 20.64 8.85 17.46
CA PHE B 93 20.81 9.86 16.42
C PHE B 93 19.68 10.88 16.44
N PHE B 94 18.45 10.45 16.74
CA PHE B 94 17.32 11.36 16.85
C PHE B 94 17.53 12.37 17.97
N ALA B 95 18.27 11.98 19.01
CA ALA B 95 18.55 12.91 20.10
C ALA B 95 19.42 14.09 19.69
N TRP B 96 20.12 14.01 18.55
CA TRP B 96 21.09 15.01 18.15
C TRP B 96 20.70 15.71 16.85
N SER B 97 19.41 15.88 16.59
CA SER B 97 18.94 16.55 15.38
C SER B 97 18.00 17.69 15.75
N SER B 98 17.91 18.69 14.87
CA SER B 98 17.11 19.87 15.16
C SER B 98 16.35 20.39 13.95
N THR B 99 15.99 19.53 13.00
CA THR B 99 15.20 19.97 11.86
C THR B 99 14.20 18.89 11.46
N VAL B 100 13.02 19.35 11.02
CA VAL B 100 11.91 18.42 10.69
C VAL B 100 12.34 17.41 9.64
N PRO B 101 12.83 17.77 8.43
CA PRO B 101 13.15 16.71 7.46
C PRO B 101 14.04 15.62 8.03
N VAL B 102 15.03 15.98 8.85
CA VAL B 102 15.90 14.97 9.45
C VAL B 102 15.13 14.16 10.48
N PHE B 103 14.26 14.81 11.24
CA PHE B 103 13.40 14.09 12.18
C PHE B 103 12.57 13.04 11.45
N ALA B 104 11.93 13.43 10.34
CA ALA B 104 11.03 12.52 9.63
C ALA B 104 11.80 11.43 8.90
N ALA B 105 13.04 11.71 8.50
CA ALA B 105 13.87 10.68 7.89
C ALA B 105 14.37 9.68 8.93
N LEU B 106 14.65 10.16 10.15
CA LEU B 106 15.11 9.26 11.21
C LEU B 106 13.98 8.45 11.79
N TRP B 107 12.75 8.94 11.73
CA TRP B 107 11.61 8.21 12.26
C TRP B 107 11.04 7.20 11.27
N PHE B 108 11.61 7.11 10.07
CA PHE B 108 11.30 6.05 9.11
C PHE B 108 12.14 4.79 9.34
N LEU B 109 13.46 4.95 9.48
CA LEU B 109 14.32 3.85 9.88
C LEU B 109 13.90 3.25 11.21
N ASN B 110 13.33 4.05 12.10
CA ASN B 110 12.78 3.52 13.34
C ASN B 110 11.68 2.50 13.07
N GLY B 111 10.74 2.84 12.18
CA GLY B 111 9.69 1.88 11.84
C GLY B 111 10.24 0.64 11.16
N LEU B 112 11.21 0.84 10.26
CA LEU B 112 11.83 -0.31 9.59
C LEU B 112 12.46 -1.26 10.60
N ALA B 113 13.15 -0.70 11.60
CA ALA B 113 13.78 -1.53 12.63
C ALA B 113 12.74 -2.18 13.53
N GLN B 114 11.66 -1.44 13.85
CA GLN B 114 10.64 -1.97 14.76
C GLN B 114 9.89 -3.13 14.12
N GLY B 115 9.79 -3.15 12.79
CA GLY B 115 9.09 -4.23 12.12
C GLY B 115 9.69 -5.60 12.34
N LEU B 116 10.95 -5.67 12.78
CA LEU B 116 11.71 -6.91 12.95
C LEU B 116 11.53 -7.58 14.31
N GLY B 117 10.68 -7.08 15.21
CA GLY B 117 10.67 -7.57 16.57
C GLY B 117 9.87 -8.83 16.85
N TRP B 118 8.63 -8.87 16.40
CA TRP B 118 7.69 -9.91 16.81
C TRP B 118 7.83 -11.27 16.13
N PRO B 119 8.07 -11.36 14.81
CA PRO B 119 8.11 -12.67 14.15
C PRO B 119 9.18 -13.60 14.74
N PRO B 120 10.38 -13.10 15.08
CA PRO B 120 11.32 -14.00 15.78
C PRO B 120 10.77 -14.52 17.09
N CYS B 121 10.06 -13.68 17.84
CA CYS B 121 9.46 -14.11 19.09
C CYS B 121 8.42 -15.20 18.84
N GLY B 122 7.59 -15.01 17.81
CA GLY B 122 6.58 -16.01 17.50
C GLY B 122 7.19 -17.35 17.11
N LYS B 123 8.25 -17.31 16.29
CA LYS B 123 8.89 -18.54 15.86
C LYS B 123 9.55 -19.26 17.05
N VAL B 124 10.22 -18.52 17.92
CA VAL B 124 10.86 -19.14 19.08
C VAL B 124 9.81 -19.74 20.00
N LEU B 125 8.71 -19.02 20.23
CA LEU B 125 7.63 -19.55 21.07
C LEU B 125 7.07 -20.84 20.48
N ARG B 126 6.82 -20.85 19.18
CA ARG B 126 6.25 -22.05 18.55
C ARG B 126 7.21 -23.22 18.61
N LYS B 127 8.51 -22.97 18.45
CA LYS B 127 9.48 -24.07 18.44
C LYS B 127 9.89 -24.51 19.84
N TRP B 128 9.58 -23.72 20.87
CA TRP B 128 9.96 -24.06 22.23
C TRP B 128 8.81 -24.52 23.11
N PHE B 129 7.56 -24.19 22.78
CA PHE B 129 6.43 -24.50 23.64
C PHE B 129 5.48 -25.47 22.97
N GLU B 130 4.83 -26.30 23.80
CA GLU B 130 3.85 -27.29 23.39
C GLU B 130 2.59 -26.60 22.88
N PRO B 131 1.82 -27.25 21.98
CA PRO B 131 0.65 -26.57 21.40
C PRO B 131 -0.49 -26.38 22.38
N SER B 132 -0.46 -27.04 23.54
CA SER B 132 -1.42 -26.78 24.60
C SER B 132 -0.98 -25.66 25.52
N GLN B 133 0.20 -25.07 25.31
CA GLN B 133 0.65 -23.90 26.10
C GLN B 133 1.16 -22.84 25.13
N PHE B 134 0.37 -22.47 24.13
CA PHE B 134 0.84 -21.52 23.08
C PHE B 134 -0.18 -20.41 22.87
N GLY B 135 -1.17 -20.23 23.74
CA GLY B 135 -2.08 -19.07 23.61
C GLY B 135 -1.95 -18.23 24.86
N THR B 136 -1.53 -18.85 25.94
CA THR B 136 -1.28 -18.18 27.22
C THR B 136 -0.05 -17.29 27.13
N TRP B 137 1.07 -17.84 26.63
CA TRP B 137 2.29 -17.05 26.55
C TRP B 137 2.22 -16.02 25.43
N TRP B 138 1.49 -16.31 24.35
CA TRP B 138 1.21 -15.29 23.35
C TRP B 138 0.54 -14.07 23.98
N ALA B 139 -0.53 -14.30 24.73
CA ALA B 139 -1.24 -13.21 25.37
C ALA B 139 -0.37 -12.51 26.42
N ILE B 140 0.51 -13.25 27.09
CA ILE B 140 1.36 -12.64 28.10
C ILE B 140 2.40 -11.73 27.46
N LEU B 141 2.94 -12.10 26.29
CA LEU B 141 3.80 -11.16 25.57
C LEU B 141 3.04 -9.93 25.11
N SER B 142 1.79 -10.12 24.66
CA SER B 142 0.96 -8.97 24.33
C SER B 142 0.80 -8.05 25.53
N THR B 143 0.60 -8.63 26.72
CA THR B 143 0.49 -7.82 27.93
C THR B 143 1.82 -7.19 28.30
N SER B 144 2.95 -7.80 27.90
CA SER B 144 4.23 -7.13 28.07
C SER B 144 4.28 -5.82 27.29
N MET B 145 3.83 -5.88 26.03
CA MET B 145 3.74 -4.66 25.24
C MET B 145 2.80 -3.65 25.89
N ASN B 146 1.65 -4.13 26.39
CA ASN B 146 0.69 -3.24 27.06
C ASN B 146 1.30 -2.59 28.29
N LEU B 147 2.04 -3.36 29.09
CA LEU B 147 2.66 -2.82 30.30
C LEU B 147 3.69 -1.77 29.96
N ALA B 148 4.51 -2.02 28.93
CA ALA B 148 5.47 -1.02 28.50
C ALA B 148 4.77 0.28 28.10
N GLY B 149 3.71 0.15 27.29
CA GLY B 149 2.98 1.34 26.87
C GLY B 149 2.32 2.08 28.02
N GLY B 150 1.82 1.33 29.01
CA GLY B 150 1.15 1.96 30.13
C GLY B 150 2.10 2.67 31.08
N LEU B 151 3.26 2.05 31.34
CA LEU B 151 4.22 2.65 32.25
C LEU B 151 5.17 3.64 31.58
N GLY B 152 5.13 3.75 30.25
CA GLY B 152 5.93 4.74 29.56
C GLY B 152 5.74 6.16 30.04
N PRO B 153 4.55 6.73 29.84
CA PRO B 153 4.39 8.19 30.02
C PRO B 153 4.79 8.72 31.39
N ILE B 154 4.44 8.03 32.47
CA ILE B 154 4.72 8.55 33.81
C ILE B 154 6.21 8.71 34.02
N LEU B 155 6.98 7.64 33.76
CA LEU B 155 8.42 7.69 33.91
C LEU B 155 9.03 8.68 32.91
N ALA B 156 8.45 8.76 31.71
CA ALA B 156 8.99 9.65 30.69
C ALA B 156 8.92 11.11 31.13
N THR B 157 7.74 11.56 31.58
CA THR B 157 7.64 12.94 32.05
C THR B 157 8.41 13.16 33.35
N ILE B 158 8.44 12.16 34.23
CA ILE B 158 9.19 12.32 35.47
C ILE B 158 10.67 12.56 35.18
N LEU B 159 11.23 11.81 34.23
CA LEU B 159 12.62 12.02 33.86
C LEU B 159 12.83 13.28 33.04
N ALA B 160 11.85 13.65 32.21
CA ALA B 160 12.02 14.80 31.32
C ALA B 160 11.96 16.11 32.09
N GLN B 161 11.10 16.20 33.10
CA GLN B 161 11.04 17.43 33.89
C GLN B 161 12.28 17.62 34.75
N SER B 162 13.14 16.61 34.86
CA SER B 162 14.32 16.69 35.72
C SER B 162 15.52 17.29 35.00
N TYR B 163 15.93 16.68 33.87
CA TYR B 163 17.18 17.04 33.22
C TYR B 163 16.94 17.74 31.89
N SER B 164 16.30 17.08 30.93
CA SER B 164 16.16 17.60 29.57
C SER B 164 15.35 16.59 28.75
N TRP B 165 15.15 16.93 27.48
CA TRP B 165 14.57 15.98 26.53
C TRP B 165 15.62 15.29 25.67
N ARG B 166 16.81 15.88 25.54
CA ARG B 166 17.86 15.28 24.72
C ARG B 166 18.56 14.13 25.42
N SER B 167 18.74 14.21 26.74
CA SER B 167 19.44 13.16 27.47
C SER B 167 18.62 11.87 27.59
N THR B 168 17.29 11.99 27.68
CA THR B 168 16.45 10.82 27.82
C THR B 168 16.57 9.88 26.62
N LEU B 169 16.56 10.44 25.41
CA LEU B 169 16.64 9.61 24.21
C LEU B 169 17.99 8.91 24.12
N ALA B 170 19.09 9.62 24.44
CA ALA B 170 20.40 9.00 24.40
C ALA B 170 20.51 7.89 25.44
N LEU B 171 19.98 8.12 26.65
CA LEU B 171 20.00 7.07 27.67
C LEU B 171 19.20 5.86 27.24
N SER B 172 18.03 6.08 26.63
CA SER B 172 17.22 4.97 26.14
C SER B 172 17.94 4.20 25.05
N GLY B 173 18.62 4.90 24.14
CA GLY B 173 19.38 4.22 23.11
C GLY B 173 20.51 3.38 23.67
N ALA B 174 21.25 3.93 24.64
CA ALA B 174 22.33 3.16 25.26
C ALA B 174 21.79 1.92 25.96
N LEU B 175 20.68 2.07 26.70
CA LEU B 175 20.07 0.93 27.36
C LEU B 175 19.63 -0.11 26.34
N CYS B 176 19.09 0.34 25.21
CA CYS B 176 18.68 -0.60 24.15
C CYS B 176 19.87 -1.36 23.60
N VAL B 177 21.00 -0.68 23.41
CA VAL B 177 22.20 -1.37 22.90
C VAL B 177 22.67 -2.42 23.89
N VAL B 178 22.72 -2.08 25.17
CA VAL B 178 23.18 -3.03 26.19
C VAL B 178 22.24 -4.23 26.25
N VAL B 179 20.93 -3.97 26.26
CA VAL B 179 19.96 -5.06 26.33
C VAL B 179 20.00 -5.88 25.05
N SER B 180 20.35 -5.26 23.91
CA SER B 180 20.50 -6.02 22.68
C SER B 180 21.64 -7.03 22.78
N PHE B 181 22.79 -6.61 23.32
CA PHE B 181 23.84 -7.59 23.57
C PHE B 181 23.40 -8.67 24.56
N LEU B 182 22.69 -8.29 25.62
CA LEU B 182 22.26 -9.27 26.60
C LEU B 182 21.31 -10.30 25.99
N CYS B 183 20.34 -9.85 25.18
CA CYS B 183 19.41 -10.76 24.53
C CYS B 183 20.14 -11.65 23.52
N LEU B 184 21.09 -11.08 22.78
CA LEU B 184 21.91 -11.89 21.87
C LEU B 184 22.61 -13.01 22.63
N LEU B 185 23.12 -12.70 23.83
CA LEU B 185 23.79 -13.70 24.64
C LEU B 185 22.84 -14.74 25.23
N LEU B 186 21.60 -14.34 25.55
CA LEU B 186 20.70 -15.20 26.32
C LEU B 186 19.75 -16.05 25.47
N ILE B 187 19.24 -15.53 24.35
CA ILE B 187 18.21 -16.24 23.61
C ILE B 187 18.81 -17.43 22.86
N HIS B 188 18.12 -18.57 22.91
CA HIS B 188 18.51 -19.77 22.20
C HIS B 188 17.48 -20.07 21.12
N ASN B 189 17.95 -20.43 19.92
CA ASN B 189 17.06 -20.55 18.77
C ASN B 189 16.17 -21.78 18.86
N GLU B 190 16.76 -22.93 19.20
CA GLU B 190 16.05 -24.20 19.18
C GLU B 190 16.47 -25.03 20.37
N PRO B 191 15.63 -25.96 20.82
CA PRO B 191 16.06 -26.88 21.89
C PRO B 191 17.16 -27.84 21.44
N ALA B 192 17.34 -28.04 20.14
CA ALA B 192 18.42 -28.90 19.66
C ALA B 192 19.79 -28.29 19.88
N ASP B 193 19.87 -26.96 19.96
CA ASP B 193 21.14 -26.28 20.20
C ASP B 193 21.68 -26.53 21.61
N VAL B 194 20.86 -27.10 22.50
CA VAL B 194 21.31 -27.44 23.84
C VAL B 194 21.32 -28.95 24.10
N GLY B 195 20.50 -29.73 23.39
CA GLY B 195 20.49 -31.17 23.58
C GLY B 195 19.13 -31.76 23.86
N LEU B 196 18.07 -31.06 23.47
CA LEU B 196 16.70 -31.54 23.64
C LEU B 196 15.92 -31.30 22.34
N ARG B 197 14.64 -31.67 22.35
CA ARG B 197 13.79 -31.47 21.18
C ARG B 197 12.34 -31.60 21.61
N ASN B 198 11.50 -30.69 21.11
CA ASN B 198 10.08 -30.64 21.44
C ASN B 198 9.24 -30.55 20.19
N LEU B 199 9.53 -31.39 19.21
CA LEU B 199 8.78 -31.41 17.96
C LEU B 199 7.44 -32.11 18.14
N GLU B 214 8.85 -28.96 1.20
CA GLU B 214 7.91 -29.28 2.27
C GLU B 214 6.84 -28.21 2.40
N SER B 215 5.70 -28.43 1.76
CA SER B 215 4.55 -27.53 1.80
C SER B 215 4.96 -26.13 1.31
N THR B 216 5.28 -26.08 0.02
CA THR B 216 5.80 -24.86 -0.59
C THR B 216 4.76 -23.73 -0.54
N LEU B 217 5.23 -22.53 -0.87
CA LEU B 217 4.38 -21.35 -0.80
C LEU B 217 3.21 -21.44 -1.77
N GLN B 218 3.44 -22.00 -2.96
CA GLN B 218 2.37 -22.10 -3.94
C GLN B 218 1.25 -22.99 -3.43
N GLU B 219 1.58 -24.09 -2.75
CA GLU B 219 0.55 -24.92 -2.16
C GLU B 219 -0.08 -24.27 -0.94
N LEU B 220 0.70 -23.50 -0.17
CA LEU B 220 0.15 -22.81 0.99
C LEU B 220 -0.90 -21.79 0.58
N LEU B 221 -0.62 -21.03 -0.48
CA LEU B 221 -1.55 -19.99 -0.93
C LEU B 221 -2.81 -20.55 -1.58
N LEU B 222 -2.84 -21.85 -1.89
CA LEU B 222 -4.00 -22.47 -2.52
C LEU B 222 -4.90 -23.16 -1.51
N SER B 223 -5.01 -22.62 -0.31
CA SER B 223 -5.89 -23.17 0.73
C SER B 223 -6.92 -22.12 1.13
N PRO B 224 -8.17 -22.53 1.39
CA PRO B 224 -9.21 -21.56 1.72
C PRO B 224 -9.19 -21.09 3.17
N TYR B 225 -8.53 -21.83 4.07
CA TYR B 225 -8.50 -21.43 5.47
C TYR B 225 -7.77 -20.11 5.64
N LEU B 226 -6.72 -19.88 4.85
CA LEU B 226 -5.98 -18.62 4.95
C LEU B 226 -6.87 -17.43 4.62
N TRP B 227 -7.69 -17.55 3.57
CA TRP B 227 -8.56 -16.45 3.20
C TRP B 227 -9.74 -16.30 4.15
N VAL B 228 -10.23 -17.41 4.72
CA VAL B 228 -11.26 -17.32 5.75
C VAL B 228 -10.73 -16.53 6.95
N LEU B 229 -9.52 -16.87 7.40
CA LEU B 229 -8.91 -16.14 8.52
C LEU B 229 -8.66 -14.69 8.16
N SER B 230 -8.24 -14.42 6.93
CA SER B 230 -7.98 -13.05 6.51
C SER B 230 -9.25 -12.22 6.55
N THR B 231 -10.37 -12.77 6.06
CA THR B 231 -11.63 -12.02 6.08
C THR B 231 -12.14 -11.82 7.50
N GLY B 232 -11.99 -12.84 8.35
CA GLY B 232 -12.37 -12.68 9.74
C GLY B 232 -11.59 -11.58 10.44
N TYR B 233 -10.27 -11.55 10.22
CA TYR B 233 -9.46 -10.49 10.80
C TYR B 233 -9.84 -9.13 10.24
N LEU B 234 -10.08 -9.06 8.92
CA LEU B 234 -10.62 -7.85 8.30
C LEU B 234 -11.78 -7.30 9.12
N VAL B 235 -12.84 -8.12 9.26
CA VAL B 235 -14.07 -7.63 9.87
C VAL B 235 -13.85 -7.25 11.34
N VAL B 236 -13.15 -8.11 12.08
CA VAL B 236 -12.97 -7.88 13.51
C VAL B 236 -12.18 -6.59 13.74
N PHE B 237 -11.04 -6.45 13.06
CA PHE B 237 -10.22 -5.25 13.23
C PHE B 237 -10.96 -4.00 12.78
N GLY B 238 -11.69 -4.08 11.67
CA GLY B 238 -12.42 -2.91 11.20
C GLY B 238 -13.46 -2.45 12.20
N VAL B 239 -14.22 -3.39 12.76
CA VAL B 239 -15.25 -3.02 13.73
C VAL B 239 -14.62 -2.46 15.00
N LYS B 240 -13.55 -3.09 15.48
CA LYS B 240 -12.88 -2.58 16.68
C LYS B 240 -12.36 -1.17 16.46
N THR B 241 -11.74 -0.91 15.30
CA THR B 241 -11.24 0.42 15.01
C THR B 241 -12.36 1.43 14.92
N CYS B 242 -13.47 1.06 14.26
CA CYS B 242 -14.61 1.96 14.17
C CYS B 242 -15.10 2.37 15.55
N CYS B 243 -15.36 1.39 16.41
CA CYS B 243 -15.86 1.71 17.75
C CYS B 243 -14.87 2.52 18.55
N THR B 244 -13.60 2.12 18.56
CA THR B 244 -12.60 2.83 19.35
C THR B 244 -12.45 4.28 18.89
N ASP B 245 -12.47 4.51 17.58
CA ASP B 245 -12.27 5.85 17.05
C ASP B 245 -13.49 6.75 17.24
N TRP B 246 -14.71 6.24 17.06
CA TRP B 246 -15.86 7.12 16.99
C TRP B 246 -16.89 6.93 18.11
N GLY B 247 -16.58 6.14 19.15
CA GLY B 247 -17.52 5.98 20.24
C GLY B 247 -17.75 7.27 21.01
N GLN B 248 -16.67 8.00 21.32
CA GLN B 248 -16.81 9.27 22.01
C GLN B 248 -17.59 10.27 21.18
N PHE B 249 -17.33 10.32 19.87
CA PHE B 249 -18.06 11.21 18.99
C PHE B 249 -19.55 10.89 18.99
N PHE B 250 -19.90 9.60 18.85
CA PHE B 250 -21.29 9.20 18.89
C PHE B 250 -21.94 9.60 20.21
N LEU B 251 -21.28 9.27 21.32
CA LEU B 251 -21.86 9.53 22.65
C LEU B 251 -22.05 11.02 22.89
N ILE B 252 -21.11 11.85 22.44
CA ILE B 252 -21.20 13.29 22.69
C ILE B 252 -22.18 13.97 21.76
N GLN B 253 -22.17 13.66 20.47
CA GLN B 253 -22.96 14.40 19.50
C GLN B 253 -24.35 13.81 19.24
N GLU B 254 -24.65 12.62 19.74
CA GLU B 254 -26.01 12.14 19.53
C GLU B 254 -26.70 11.69 20.81
N LYS B 255 -25.98 11.07 21.74
CA LYS B 255 -26.60 10.62 22.99
C LYS B 255 -26.82 11.77 23.95
N GLY B 256 -25.98 12.81 23.88
CA GLY B 256 -26.12 13.94 24.78
C GLY B 256 -25.38 13.83 26.08
N GLN B 257 -24.39 12.95 26.19
CA GLN B 257 -23.64 12.78 27.42
C GLN B 257 -22.52 13.82 27.50
N SER B 258 -21.86 13.87 28.65
CA SER B 258 -20.84 14.87 28.92
C SER B 258 -19.50 14.42 28.30
N ALA B 259 -18.43 15.14 28.63
CA ALA B 259 -17.11 14.88 28.07
C ALA B 259 -16.25 13.97 28.93
N LEU B 260 -16.74 13.53 30.09
CA LEU B 260 -16.03 12.59 30.93
C LEU B 260 -16.53 11.16 30.79
N VAL B 261 -17.80 10.99 30.42
CA VAL B 261 -18.35 9.65 30.21
C VAL B 261 -17.62 8.97 29.07
N GLY B 262 -17.22 9.73 28.04
CA GLY B 262 -16.44 9.16 26.96
C GLY B 262 -15.08 8.64 27.42
N SER B 263 -14.40 9.41 28.28
CA SER B 263 -13.11 8.96 28.79
C SER B 263 -13.27 7.72 29.67
N SER B 264 -14.31 7.70 30.51
CA SER B 264 -14.56 6.50 31.32
C SER B 264 -14.88 5.30 30.44
N TYR B 265 -15.65 5.51 29.38
CA TYR B 265 -16.01 4.43 28.48
C TYR B 265 -14.77 3.88 27.76
N MET B 266 -13.86 4.77 27.36
CA MET B 266 -12.61 4.32 26.75
C MET B 266 -11.77 3.51 27.74
N SER B 267 -11.66 3.99 28.98
CA SER B 267 -10.87 3.28 29.98
C SER B 267 -11.44 1.89 30.24
N ALA B 268 -12.76 1.80 30.37
CA ALA B 268 -13.41 0.51 30.57
C ALA B 268 -13.18 -0.40 29.36
N LEU B 269 -13.26 0.16 28.16
CA LEU B 269 -13.01 -0.63 26.96
C LEU B 269 -11.61 -1.24 26.97
N GLU B 270 -10.61 -0.42 27.31
CA GLU B 270 -9.23 -0.92 27.30
C GLU B 270 -9.02 -2.00 28.37
N VAL B 271 -9.52 -1.77 29.58
CA VAL B 271 -9.33 -2.74 30.65
C VAL B 271 -10.03 -4.05 30.31
N GLY B 272 -11.28 -3.96 29.86
CA GLY B 272 -12.00 -5.17 29.48
C GLY B 272 -11.32 -5.89 28.33
N GLY B 273 -10.72 -5.15 27.40
CA GLY B 273 -10.03 -5.79 26.30
C GLY B 273 -8.79 -6.56 26.73
N LEU B 274 -8.00 -5.99 27.63
CA LEU B 274 -6.84 -6.71 28.16
C LEU B 274 -7.28 -7.99 28.87
N VAL B 275 -8.29 -7.86 29.74
CA VAL B 275 -8.78 -9.02 30.47
C VAL B 275 -9.29 -10.09 29.51
N GLY B 276 -10.02 -9.65 28.48
CA GLY B 276 -10.57 -10.60 27.52
C GLY B 276 -9.50 -11.29 26.70
N SER B 277 -8.44 -10.57 26.33
CA SER B 277 -7.36 -11.20 25.59
C SER B 277 -6.71 -12.30 26.42
N ILE B 278 -6.36 -12.00 27.68
CA ILE B 278 -5.73 -13.02 28.52
C ILE B 278 -6.66 -14.21 28.70
N ALA B 279 -7.93 -13.95 29.02
CA ALA B 279 -8.88 -15.02 29.30
C ALA B 279 -9.13 -15.88 28.06
N ALA B 280 -9.25 -15.23 26.89
CA ALA B 280 -9.46 -15.97 25.66
C ALA B 280 -8.29 -16.89 25.37
N GLY B 281 -7.06 -16.37 25.51
CA GLY B 281 -5.91 -17.22 25.29
C GLY B 281 -5.89 -18.43 26.22
N TYR B 282 -6.11 -18.19 27.52
CA TYR B 282 -6.04 -19.29 28.48
C TYR B 282 -7.13 -20.33 28.23
N LEU B 283 -8.38 -19.88 28.05
CA LEU B 283 -9.48 -20.81 27.87
C LEU B 283 -9.35 -21.57 26.55
N SER B 284 -8.89 -20.90 25.49
CA SER B 284 -8.71 -21.59 24.22
C SER B 284 -7.63 -22.65 24.32
N ASP B 285 -6.52 -22.34 25.00
CA ASP B 285 -5.48 -23.34 25.19
C ASP B 285 -5.99 -24.52 26.01
N ARG B 286 -6.78 -24.25 27.05
CA ARG B 286 -7.35 -25.34 27.83
C ARG B 286 -8.28 -26.21 26.99
N ALA B 287 -9.11 -25.60 26.15
CA ALA B 287 -10.02 -26.36 25.31
C ALA B 287 -9.26 -27.21 24.30
N MET B 288 -8.20 -26.65 23.69
CA MET B 288 -7.40 -27.45 22.76
C MET B 288 -6.70 -28.60 23.47
N ALA B 289 -6.19 -28.37 24.68
CA ALA B 289 -5.57 -29.44 25.45
C ALA B 289 -6.57 -30.54 25.77
N LYS B 290 -7.80 -30.16 26.14
CA LYS B 290 -8.80 -31.15 26.49
C LYS B 290 -9.24 -31.97 25.28
N ALA B 291 -9.56 -31.29 24.18
CA ALA B 291 -10.09 -31.97 23.01
C ALA B 291 -8.97 -32.66 22.22
N GLY B 292 -9.38 -33.51 21.28
CA GLY B 292 -8.45 -34.21 20.42
C GLY B 292 -8.05 -33.38 19.21
N LEU B 293 -7.33 -34.03 18.30
CA LEU B 293 -6.84 -33.39 17.08
C LEU B 293 -7.26 -34.21 15.86
N SER B 294 -7.61 -33.50 14.79
CA SER B 294 -8.01 -34.13 13.54
C SER B 294 -7.69 -33.17 12.39
N ASN B 295 -7.71 -33.71 11.18
CA ASN B 295 -7.36 -32.91 10.02
C ASN B 295 -8.43 -31.87 9.69
N TYR B 296 -9.66 -32.06 10.16
CA TYR B 296 -10.77 -31.16 9.88
C TYR B 296 -11.21 -30.46 11.16
N GLY B 297 -11.41 -29.15 11.07
CA GLY B 297 -11.88 -28.37 12.19
C GLY B 297 -10.76 -27.80 13.04
N ASN B 298 -11.16 -27.19 14.15
CA ASN B 298 -10.23 -26.59 15.09
C ASN B 298 -10.94 -26.48 16.43
N PRO B 299 -10.31 -26.91 17.53
CA PRO B 299 -10.95 -26.78 18.85
C PRO B 299 -11.06 -25.34 19.33
N ARG B 300 -10.36 -24.39 18.71
CA ARG B 300 -10.37 -23.01 19.16
C ARG B 300 -11.49 -22.18 18.57
N HIS B 301 -12.35 -22.77 17.73
CA HIS B 301 -13.37 -22.01 17.03
C HIS B 301 -14.57 -21.64 17.91
N GLY B 302 -14.86 -22.43 18.94
CA GLY B 302 -16.03 -22.16 19.77
C GLY B 302 -15.93 -20.84 20.49
N LEU B 303 -14.78 -20.58 21.12
CA LEU B 303 -14.59 -19.30 21.81
C LEU B 303 -14.64 -18.13 20.83
N LEU B 304 -14.05 -18.31 19.65
CA LEU B 304 -14.07 -17.24 18.65
C LEU B 304 -15.49 -16.90 18.24
N LEU B 305 -16.32 -17.92 17.97
CA LEU B 305 -17.71 -17.67 17.60
C LEU B 305 -18.49 -17.04 18.75
N PHE B 306 -18.27 -17.51 19.97
CA PHE B 306 -18.97 -16.94 21.12
C PHE B 306 -18.63 -15.47 21.31
N MET B 307 -17.36 -15.11 21.19
CA MET B 307 -16.96 -13.73 21.36
C MET B 307 -17.45 -12.86 20.21
N MET B 308 -17.50 -13.40 18.99
CA MET B 308 -18.07 -12.64 17.88
C MET B 308 -19.55 -12.34 18.12
N ALA B 309 -20.31 -13.34 18.59
CA ALA B 309 -21.72 -13.13 18.88
C ALA B 309 -21.89 -12.11 20.00
N GLY B 310 -21.06 -12.20 21.04
CA GLY B 310 -21.13 -11.23 22.12
C GLY B 310 -20.84 -9.82 21.64
N MET B 311 -19.86 -9.67 20.75
CA MET B 311 -19.54 -8.36 20.19
C MET B 311 -20.74 -7.79 19.43
N THR B 312 -21.38 -8.62 18.60
CA THR B 312 -22.53 -8.13 17.84
C THR B 312 -23.68 -7.73 18.78
N VAL B 313 -23.96 -8.54 19.79
CA VAL B 313 -25.05 -8.24 20.71
C VAL B 313 -24.76 -6.96 21.49
N SER B 314 -23.52 -6.80 21.94
CA SER B 314 -23.14 -5.58 22.67
C SER B 314 -23.24 -4.35 21.77
N MET B 315 -22.86 -4.48 20.50
CA MET B 315 -23.03 -3.37 19.56
C MET B 315 -24.48 -2.97 19.45
N TYR B 316 -25.37 -3.96 19.26
CA TYR B 316 -26.79 -3.65 19.13
C TYR B 316 -27.32 -2.98 20.40
N LEU B 317 -26.94 -3.50 21.57
CA LEU B 317 -27.44 -2.93 22.82
C LEU B 317 -26.94 -1.50 23.02
N PHE B 318 -25.67 -1.25 22.73
CA PHE B 318 -25.14 0.10 22.86
C PHE B 318 -25.83 1.06 21.90
N ARG B 319 -26.09 0.62 20.67
CA ARG B 319 -26.73 1.50 19.70
C ARG B 319 -28.17 1.81 20.09
N VAL B 320 -28.91 0.82 20.58
CA VAL B 320 -30.36 0.99 20.74
C VAL B 320 -30.72 1.45 22.15
N THR B 321 -30.24 0.76 23.19
CA THR B 321 -30.75 0.95 24.55
C THR B 321 -29.93 1.94 25.36
N VAL B 322 -29.32 2.94 24.71
CA VAL B 322 -28.56 3.99 25.42
C VAL B 322 -29.20 5.32 25.04
N THR B 323 -30.03 5.85 25.91
CA THR B 323 -30.70 7.12 25.69
C THR B 323 -29.94 8.23 26.39
N SER B 324 -30.51 9.43 26.43
CA SER B 324 -29.88 10.56 27.10
C SER B 324 -30.00 10.50 28.62
N ASP B 325 -30.77 9.55 29.16
CA ASP B 325 -30.95 9.42 30.60
C ASP B 325 -30.43 8.09 31.13
N SER B 326 -29.59 7.40 30.35
CA SER B 326 -29.06 6.07 30.77
C SER B 326 -28.03 6.27 31.90
N PRO B 327 -28.00 5.42 32.95
CA PRO B 327 -26.99 5.52 33.99
C PRO B 327 -25.59 5.25 33.46
N LYS B 328 -24.60 5.86 34.10
CA LYS B 328 -23.22 5.73 33.65
C LYS B 328 -22.68 4.32 33.85
N LEU B 329 -23.20 3.61 34.85
CA LEU B 329 -22.79 2.22 35.07
C LEU B 329 -23.16 1.35 33.88
N TRP B 330 -24.32 1.59 33.27
CA TRP B 330 -24.74 0.84 32.09
C TRP B 330 -23.78 1.07 30.93
N ILE B 331 -23.36 2.32 30.73
CA ILE B 331 -22.40 2.63 29.66
C ILE B 331 -21.07 1.94 29.93
N LEU B 332 -20.60 1.96 31.18
CA LEU B 332 -19.35 1.30 31.51
C LEU B 332 -19.44 -0.21 31.28
N VAL B 333 -20.56 -0.82 31.65
CA VAL B 333 -20.73 -2.26 31.44
C VAL B 333 -20.72 -2.60 29.97
N LEU B 334 -21.45 -1.82 29.15
CA LEU B 334 -21.47 -2.08 27.72
C LEU B 334 -20.08 -1.93 27.10
N GLY B 335 -19.35 -0.90 27.50
CA GLY B 335 -18.00 -0.72 27.00
C GLY B 335 -17.08 -1.87 27.37
N ALA B 336 -17.15 -2.33 28.62
CA ALA B 336 -16.31 -3.44 29.05
C ALA B 336 -16.65 -4.71 28.28
N VAL B 337 -17.93 -5.00 28.09
CA VAL B 337 -18.32 -6.21 27.38
C VAL B 337 -17.85 -6.16 25.93
N PHE B 338 -18.03 -5.01 25.27
CA PHE B 338 -17.56 -4.91 23.89
C PHE B 338 -16.05 -5.04 23.80
N GLY B 339 -15.32 -4.42 24.74
CA GLY B 339 -13.87 -4.55 24.71
C GLY B 339 -13.41 -5.99 24.88
N PHE B 340 -14.01 -6.70 25.84
CA PHE B 340 -13.75 -8.12 26.02
C PHE B 340 -13.95 -8.89 24.72
N SER B 341 -15.18 -8.82 24.19
CA SER B 341 -15.56 -9.62 23.03
C SER B 341 -14.91 -9.17 21.74
N SER B 342 -14.29 -8.00 21.71
CA SER B 342 -13.60 -7.53 20.52
C SER B 342 -12.10 -7.76 20.57
N TYR B 343 -11.49 -7.77 21.76
CA TYR B 343 -10.07 -7.99 21.89
C TYR B 343 -9.70 -9.46 22.06
N GLY B 344 -10.66 -10.32 22.42
CA GLY B 344 -10.39 -11.75 22.41
C GLY B 344 -10.10 -12.32 21.04
N PRO B 345 -11.03 -12.13 20.08
CA PRO B 345 -10.85 -12.72 18.75
C PRO B 345 -9.61 -12.27 18.02
N ILE B 346 -9.09 -11.07 18.27
CA ILE B 346 -7.87 -10.63 17.59
C ILE B 346 -6.71 -11.53 17.98
N ALA B 347 -6.53 -11.77 19.28
CA ALA B 347 -5.49 -12.68 19.75
C ALA B 347 -5.75 -14.09 19.25
N LEU B 348 -7.02 -14.51 19.21
CA LEU B 348 -7.32 -15.86 18.73
C LEU B 348 -6.91 -16.03 17.27
N PHE B 349 -7.23 -15.04 16.42
CA PHE B 349 -6.80 -15.10 15.02
C PHE B 349 -5.29 -15.11 14.91
N GLY B 350 -4.61 -14.28 15.69
CA GLY B 350 -3.16 -14.24 15.64
C GLY B 350 -2.53 -15.59 16.02
N VAL B 351 -3.08 -16.24 17.04
CA VAL B 351 -2.55 -17.54 17.44
C VAL B 351 -2.85 -18.59 16.38
N ILE B 352 -4.08 -18.60 15.84
CA ILE B 352 -4.49 -19.65 14.93
C ILE B 352 -3.73 -19.57 13.61
N ALA B 353 -3.58 -18.37 13.04
CA ALA B 353 -2.92 -18.21 11.75
C ALA B 353 -1.48 -18.70 11.76
N ASN B 354 -0.86 -18.80 12.93
CA ASN B 354 0.49 -19.31 13.07
C ASN B 354 0.53 -20.77 13.50
N GLU B 355 -0.41 -21.20 14.35
CA GLU B 355 -0.41 -22.58 14.82
C GLU B 355 -0.83 -23.54 13.71
N SER B 356 -1.90 -23.22 12.99
CA SER B 356 -2.45 -24.13 11.98
C SER B 356 -1.75 -23.94 10.64
N ALA B 357 -0.42 -24.02 10.69
CA ALA B 357 0.43 -23.82 9.53
C ALA B 357 1.51 -24.88 9.53
N PRO B 358 2.15 -25.15 8.40
CA PRO B 358 3.28 -26.08 8.37
C PRO B 358 4.38 -25.63 9.30
N PRO B 359 5.33 -26.51 9.63
CA PRO B 359 6.46 -26.09 10.49
C PRO B 359 7.25 -24.94 9.93
N ASN B 360 7.33 -24.81 8.60
CA ASN B 360 7.86 -23.62 7.95
C ASN B 360 6.69 -22.77 7.48
N LEU B 361 7.03 -21.62 6.90
CA LEU B 361 6.07 -20.63 6.40
C LEU B 361 5.12 -20.12 7.47
N CYS B 362 5.56 -20.08 8.74
CA CYS B 362 4.74 -19.53 9.80
C CYS B 362 4.57 -18.02 9.64
N GLY B 363 5.67 -17.32 9.33
CA GLY B 363 5.59 -15.89 9.13
C GLY B 363 4.79 -15.52 7.89
N THR B 364 4.94 -16.31 6.83
CA THR B 364 4.18 -16.06 5.60
C THR B 364 2.69 -16.32 5.81
N SER B 365 2.34 -17.07 6.86
CA SER B 365 0.96 -17.35 7.20
C SER B 365 0.35 -16.30 8.12
N HIS B 366 1.10 -15.23 8.42
CA HIS B 366 0.64 -14.21 9.35
C HIS B 366 0.81 -12.83 8.72
N ALA B 367 1.74 -12.72 7.77
CA ALA B 367 1.97 -11.46 7.09
C ALA B 367 0.73 -11.01 6.30
N ILE B 368 0.08 -11.95 5.61
CA ILE B 368 -1.10 -11.65 4.82
C ILE B 368 -2.24 -11.20 5.73
N VAL B 369 -2.34 -11.86 6.89
CA VAL B 369 -3.36 -11.48 7.87
C VAL B 369 -3.13 -10.06 8.36
N GLY B 370 -1.87 -9.71 8.61
CA GLY B 370 -1.57 -8.32 8.99
C GLY B 370 -1.89 -7.32 7.90
N LEU B 371 -1.61 -7.69 6.64
CA LEU B 371 -1.96 -6.82 5.52
C LEU B 371 -3.46 -6.57 5.46
N MET B 372 -4.25 -7.63 5.65
CA MET B 372 -5.69 -7.48 5.71
C MET B 372 -6.11 -6.58 6.86
N ALA B 373 -5.42 -6.70 8.00
CA ALA B 373 -5.71 -5.80 9.12
C ALA B 373 -5.48 -4.33 8.72
N ASN B 374 -4.40 -4.07 8.01
CA ASN B 374 -4.13 -2.69 7.58
C ASN B 374 -5.23 -2.16 6.66
N VAL B 375 -5.63 -2.95 5.66
CA VAL B 375 -6.66 -2.45 4.75
C VAL B 375 -8.00 -2.30 5.47
N GLY B 376 -8.28 -3.18 6.44
CA GLY B 376 -9.49 -3.02 7.24
C GLY B 376 -9.46 -1.77 8.10
N GLY B 377 -8.28 -1.41 8.58
CA GLY B 377 -8.15 -0.14 9.30
C GLY B 377 -8.44 1.05 8.41
N PHE B 378 -7.94 1.03 7.18
CA PHE B 378 -8.25 2.13 6.25
C PHE B 378 -9.74 2.22 5.97
N LEU B 379 -10.39 1.06 5.78
CA LEU B 379 -11.83 1.03 5.55
C LEU B 379 -12.59 1.55 6.77
N ALA B 380 -12.16 1.18 7.97
CA ALA B 380 -12.79 1.69 9.18
C ALA B 380 -12.59 3.19 9.33
N GLY B 381 -11.48 3.71 8.81
CA GLY B 381 -11.21 5.13 8.91
C GLY B 381 -12.02 6.02 7.99
N LEU B 382 -11.80 5.91 6.67
CA LEU B 382 -12.36 6.97 5.82
C LEU B 382 -13.83 6.84 5.47
N PRO B 383 -14.28 5.73 4.85
CA PRO B 383 -15.69 5.66 4.43
C PRO B 383 -16.67 5.70 5.60
N PHE B 384 -16.30 5.13 6.74
CA PHE B 384 -17.17 5.19 7.90
C PHE B 384 -17.40 6.63 8.33
N SER B 385 -16.33 7.42 8.37
CA SER B 385 -16.45 8.83 8.73
C SER B 385 -17.31 9.59 7.75
N THR B 386 -17.14 9.34 6.44
CA THR B 386 -17.95 10.10 5.48
C THR B 386 -19.42 9.70 5.54
N ILE B 387 -19.71 8.40 5.76
CA ILE B 387 -21.09 7.97 5.90
C ILE B 387 -21.72 8.62 7.13
N ALA B 388 -20.99 8.64 8.24
CA ALA B 388 -21.50 9.26 9.46
C ALA B 388 -21.74 10.75 9.26
N LYS B 389 -20.84 11.43 8.54
CA LYS B 389 -21.03 12.85 8.29
C LYS B 389 -22.27 13.10 7.43
N HIS B 390 -22.53 12.25 6.44
CA HIS B 390 -23.64 12.49 5.54
C HIS B 390 -24.98 12.10 6.16
N TYR B 391 -25.15 10.82 6.50
CA TYR B 391 -26.45 10.39 7.03
C TYR B 391 -26.56 10.65 8.53
N SER B 392 -25.79 9.93 9.33
CA SER B 392 -25.80 10.04 10.79
C SER B 392 -24.79 9.04 11.34
N TRP B 393 -24.56 9.12 12.66
CA TRP B 393 -23.74 8.11 13.33
C TRP B 393 -24.50 6.81 13.55
N SER B 394 -25.81 6.90 13.77
CA SER B 394 -26.62 5.71 13.96
C SER B 394 -26.60 4.81 12.73
N THR B 395 -26.71 5.42 11.54
CA THR B 395 -26.68 4.64 10.31
C THR B 395 -25.33 3.97 10.10
N ALA B 396 -24.23 4.69 10.38
CA ALA B 396 -22.91 4.11 10.23
C ALA B 396 -22.69 2.93 11.17
N PHE B 397 -23.10 3.08 12.43
CA PHE B 397 -22.95 1.99 13.38
C PHE B 397 -23.88 0.82 13.05
N TRP B 398 -25.06 1.12 12.51
CA TRP B 398 -25.94 0.05 12.04
C TRP B 398 -25.31 -0.73 10.90
N VAL B 399 -24.67 -0.02 9.97
CA VAL B 399 -23.98 -0.70 8.87
C VAL B 399 -22.87 -1.60 9.40
N ALA B 400 -22.08 -1.09 10.34
CA ALA B 400 -21.00 -1.90 10.92
C ALA B 400 -21.55 -3.13 11.62
N GLU B 401 -22.62 -2.97 12.39
CA GLU B 401 -23.21 -4.10 13.09
C GLU B 401 -23.76 -5.14 12.13
N VAL B 402 -24.40 -4.71 11.05
CA VAL B 402 -24.94 -5.64 10.07
C VAL B 402 -23.81 -6.42 9.39
N ILE B 403 -22.72 -5.72 9.04
CA ILE B 403 -21.58 -6.41 8.44
C ILE B 403 -21.00 -7.44 9.40
N CYS B 404 -20.86 -7.07 10.68
CA CYS B 404 -20.32 -8.01 11.66
C CYS B 404 -21.22 -9.23 11.82
N ALA B 405 -22.54 -9.02 11.87
CA ALA B 405 -23.46 -10.14 12.01
C ALA B 405 -23.39 -11.08 10.80
N ALA B 406 -23.34 -10.51 9.59
CA ALA B 406 -23.23 -11.35 8.40
C ALA B 406 -21.93 -12.14 8.40
N SER B 407 -20.84 -11.49 8.80
CA SER B 407 -19.53 -12.18 8.86
C SER B 407 -19.61 -13.34 9.86
N THR B 408 -20.19 -13.09 11.04
CA THR B 408 -20.31 -14.15 12.04
C THR B 408 -21.12 -15.31 11.51
N ALA B 409 -22.22 -15.03 10.80
CA ALA B 409 -23.02 -16.11 10.23
C ALA B 409 -22.22 -16.92 9.22
N ALA B 410 -21.47 -16.23 8.36
CA ALA B 410 -20.64 -16.95 7.37
C ALA B 410 -19.58 -17.80 8.05
N PHE B 411 -18.93 -17.25 9.10
CA PHE B 411 -17.90 -17.99 9.81
C PHE B 411 -18.48 -19.23 10.47
N PHE B 412 -19.67 -19.12 11.07
CA PHE B 412 -20.29 -20.30 11.66
C PHE B 412 -20.64 -21.32 10.57
N LEU B 413 -21.11 -20.84 9.41
CA LEU B 413 -21.44 -21.77 8.32
C LEU B 413 -20.21 -22.49 7.81
N LEU B 414 -19.04 -21.86 7.86
CA LEU B 414 -17.80 -22.44 7.36
C LEU B 414 -16.92 -22.97 8.49
N ARG B 415 -17.52 -23.57 9.52
CA ARG B 415 -16.75 -24.00 10.68
C ARG B 415 -15.87 -25.20 10.37
N ASN B 416 -16.48 -26.32 9.98
CA ASN B 416 -15.76 -27.57 9.73
C ASN B 416 -15.28 -27.58 8.28
N ILE B 417 -14.02 -27.19 8.08
CA ILE B 417 -13.43 -27.09 6.75
C ILE B 417 -12.01 -27.63 6.81
N ARG B 418 -11.36 -27.73 5.65
CA ARG B 418 -9.95 -28.10 5.59
C ARG B 418 -9.11 -27.10 6.35
N THR B 419 -8.59 -27.51 7.51
CA THR B 419 -7.90 -26.59 8.42
C THR B 419 -6.40 -26.54 8.13
N LYS B 420 -5.72 -27.68 8.21
CA LYS B 420 -4.28 -27.70 8.01
C LYS B 420 -3.94 -27.34 6.58
N MET B 421 -3.39 -26.14 6.37
CA MET B 421 -2.99 -25.72 5.05
C MET B 421 -1.61 -26.29 4.70
N GLY B 422 -1.32 -26.32 3.40
CA GLY B 422 -0.06 -26.85 2.91
C GLY B 422 -0.07 -27.13 1.43
C1 LMN C . -4.52 19.03 -22.99
O1 LMN C . -3.73 17.96 -23.52
C2 LMN C . -5.06 18.62 -21.68
O2 LMN C . -3.93 18.32 -20.78
C3 LMN C . -5.88 19.67 -21.06
O3 LMN C . -6.53 19.08 -19.89
C4 LMN C . -6.92 20.27 -21.94
O4 LMN C . -7.33 21.53 -21.37
C5 LMN C . -6.46 20.55 -23.40
O5 LMN C . -5.61 19.37 -23.92
C6 LMN C . -7.59 20.73 -24.23
O6 LMN C . -8.53 19.68 -23.94
CAA LMN C . -1.57 7.88 -33.77
CAB LMN C . -1.55 17.57 -33.11
OAI LMN C . -11.76 23.29 -22.55
OAJ LMN C . 2.13 13.20 -16.02
OAL LMN C . 0.93 13.29 -19.75
OAN LMN C . -3.24 16.10 -20.95
OAP LMN C . -4.88 14.20 -22.20
OAQ LMN C . -12.00 22.18 -18.55
OAR LMN C . -0.90 14.77 -13.86
OAS LMN C . -9.69 20.69 -17.55
OAT LMN C . -3.41 15.42 -14.99
OAU LMN C . -7.71 22.98 -19.13
OAV LMN C . -3.75 12.95 -17.04
CAW LMN C . -1.29 9.24 -33.17
CAX LMN C . -0.83 16.64 -32.14
CAY LMN C . -2.25 9.56 -32.01
CAZ LMN C . 0.70 16.83 -32.16
CBA LMN C . -2.64 11.06 -31.97
CBB LMN C . 1.12 18.25 -31.66
CBC LMN C . -2.09 11.78 -30.71
CBD LMN C . 0.58 18.55 -30.23
CBE LMN C . -2.02 13.33 -30.90
CBF LMN C . -0.44 19.73 -30.22
CBG LMN C . -2.97 14.10 -29.90
CBH LMN C . -1.61 19.47 -29.23
CBI LMN C . -2.31 14.32 -28.54
CBJ LMN C . -1.23 19.86 -27.74
CBK LMN C . -2.55 15.77 -28.00
CBL LMN C . -2.16 19.16 -26.68
CBM LMN C . -11.93 22.50 -21.39
CBN LMN C . 1.16 14.22 -16.05
CBP LMN C . 0.48 14.26 -20.69
CBQ LMN C . -3.32 15.78 -26.67
CBR LMN C . -1.60 17.75 -26.23
CBS LMN C . -3.90 17.76 -24.99
CBT LMN C . -2.04 16.01 -24.34
OBV LMN C . -3.07 15.21 -23.68
OBX LMN C . -1.23 14.53 -22.39
OBY LMN C . -9.52 22.33 -21.38
OBZ LMN C . -0.68 13.03 -17.10
OCB LMN C . -2.02 13.37 -18.98
CCC LMN C . -10.72 22.64 -20.56
CCD LMN C . -0.20 13.60 -15.83
CCF LMN C . -0.92 13.90 -21.09
CCH LMN C . -3.23 14.68 -20.57
CCJ LMN C . -2.57 14.16 -22.89
CCL LMN C . -3.55 13.87 -21.75
CCM LMN C . -2.71 16.84 -25.55
CCN LMN C . -10.86 21.74 -19.32
CCO LMN C . -1.13 14.67 -15.27
CCQ LMN C . -1.89 14.38 -20.01
CCR LMN C . -8.56 21.42 -20.73
CCS LMN C . -1.66 13.91 -17.78
CCT LMN C . -9.65 21.80 -18.48
CCU LMN C . -2.58 14.33 -15.50
CCV LMN C . -8.38 21.73 -19.25
CCW LMN C . -2.90 14.12 -16.92
C1 LMN D . -4.03 4.83 0.78
O1 LMN D . -4.10 3.41 0.70
C2 LMN D . -4.75 5.29 1.99
O2 LMN D . -4.04 4.78 3.18
C3 LMN D . -4.84 6.75 2.08
O3 LMN D . -5.71 7.10 3.21
C4 LMN D . -5.38 7.38 0.84
O4 LMN D . -5.33 8.82 1.02
C5 LMN D . -4.57 6.97 -0.41
O5 LMN D . -4.56 5.42 -0.46
C6 LMN D . -5.16 7.47 -1.60
O6 LMN D . -4.19 8.30 -2.28
CAA LMN D . -6.36 -5.60 -1.12
CAB LMN D . 0.47 -8.47 -1.87
OAI LMN D . -4.49 12.18 -1.82
OAJ LMN D . -4.18 10.44 -3.44
OAL LMN D . -3.42 5.34 -6.79
OAN LMN D . -2.15 7.75 -2.84
OAP LMN D . -3.40 5.29 -3.09
OAQ LMN D . -4.77 12.10 2.22
OAR LMN D . -5.20 10.24 -7.73
OAS LMN D . -8.27 11.80 1.29
OAT LMN D . -2.87 9.84 -9.26
OAU LMN D . -5.85 9.86 3.18
OAV LMN D . -0.94 8.14 -7.96
CAW LMN D . -4.89 -5.21 -1.16
CAX LMN D . 0.46 -6.97 -1.65
CAY LMN D . -4.10 -5.82 0.00
CAZ LMN D . -0.15 -6.21 -2.83
CBA LMN D . -2.83 -4.99 0.36
CBB LMN D . 0.39 -4.75 -2.93
CBC LMN D . -2.99 -3.49 0.05
CBD LMN D . -0.38 -3.90 -4.00
CBE LMN D . -1.70 -2.68 0.38
CBF LMN D . -1.05 -2.67 -3.35
CBG LMN D . -1.96 -1.50 1.41
CBH LMN D . -0.81 -1.37 -4.17
CBI LMN D . -3.45 -1.08 1.48
CBJ LMN D . -1.06 -0.06 -3.32
CBK LMN D . -3.71 0.38 1.03
CBL LMN D . -2.19 -0.24 -2.23
CBM LMN D . -5.67 12.38 -1.07
CBN LMN D . -3.79 10.84 -4.72
CBP LMN D . -2.02 5.31 -7.00
CBQ LMN D . -2.49 1.08 0.36
CBR LMN D . -3.21 0.96 -2.18
CBS LMN D . -4.23 2.86 -0.66
CBT LMN D . -1.73 2.94 -1.43
OBV LMN D . -1.79 2.98 -2.90
OBX LMN D . -1.67 4.10 -4.94
OBY LMN D . -6.62 10.33 -0.16
OBZ LMN D . -3.20 8.57 -5.38
OCB LMN D . -1.00 7.73 -5.54
CCC LMN D . -5.63 11.42 0.07
CCD LMN D . -4.08 9.71 -5.68
CCF LMN D . -1.34 5.34 -5.66
CCH LMN D . -1.49 6.60 -3.50
CCJ LMN D . -1.33 4.15 -3.52
CCL LMN D . -1.98 5.37 -2.87
CCM LMN D . -2.93 1.96 -0.98
CCN LMN D . -5.94 12.16 1.36
CCO LMN D . -3.91 10.20 -7.11
CCQ LMN D . -1.76 6.64 -4.95
CCR LMN D . -6.61 9.38 0.95
CCS LMN D . -1.79 8.82 -5.80
CCT LMN D . -7.08 11.57 2.07
CCU LMN D . -3.02 9.30 -7.90
CCV LMN D . -6.92 10.09 2.27
CCW LMN D . -1.69 9.18 -7.28
C1 LMN E . -3.31 4.11 29.73
O1 LMN E . -3.25 2.70 29.53
C2 LMN E . -2.85 4.78 28.48
O2 LMN E . -3.74 4.38 27.38
C3 LMN E . -2.88 6.25 28.60
O3 LMN E . -2.21 6.79 27.41
C4 LMN E . -2.23 6.79 29.81
O4 LMN E . -2.70 8.16 30.00
C5 LMN E . -2.53 6.03 31.13
O5 LMN E . -2.46 4.50 30.86
C6 LMN E . -1.57 6.37 32.12
O6 LMN E . -0.26 6.34 31.52
CAA LMN E . 2.37 -10.23 33.08
CAB LMN E . -3.23 -3.46 37.21
OAI LMN E . 0.09 11.26 32.60
OAJ LMN E . -6.54 -0.14 19.82
OAL LMN E . -5.01 -1.22 23.26
OAN LMN E . -3.02 2.43 26.34
OAP LMN E . -0.41 1.48 26.75
OAQ LMN E . 0.24 12.60 28.66
OAR LMN E . -5.32 3.66 19.22
OAS LMN E . -0.94 10.78 26.71
OAT LMN E . -3.48 4.96 20.91
OAU LMN E . -3.59 10.43 28.84
OAV LMN E . -1.47 2.51 21.53
CAW LMN E . 1.27 -9.19 33.18
CAX LMN E . -3.44 -4.01 35.82
CAY LMN E . 1.68 -7.86 32.50
CAZ LMN E . -4.78 -4.74 35.68
CBA LMN E . 1.14 -6.62 33.26
CBB LMN E . -6.01 -3.80 35.86
CBC LMN E . 0.09 -5.84 32.44
CBD LMN E . -5.98 -2.59 34.87
CBE LMN E . -0.81 -4.95 33.34
CBF LMN E . -5.81 -1.22 35.60
CBG LMN E . -0.64 -3.41 33.00
CBH LMN E . -4.88 -0.25 34.81
CBI LMN E . -1.53 -2.96 31.84
CBJ LMN E . -5.65 0.51 33.66
CBK LMN E . -2.25 -1.60 32.12
CBL LMN E . -4.68 1.08 32.56
CBM LMN E . 0.49 11.38 31.25
CBN LMN E . -6.32 1.06 20.50
CBP LMN E . -5.05 -0.78 24.60
CBQ LMN E . -1.84 -0.51 31.11
CBR LMN E . -4.41 0.04 31.41
CBS LMN E . -2.75 1.95 30.73
CBT LMN E . -3.39 0.04 29.01
OBV LMN E . -2.21 0.41 28.22
OBX LMN E . -3.53 -0.46 26.48
OBY LMN E . -1.39 9.93 30.76
OBZ LMN E . -4.00 0.79 21.13
OCB LMN E . -2.79 0.86 23.12
CCC LMN E . -0.72 11.21 30.40
CCD LMN E . -4.91 1.53 20.23
CCF LMN E . -3.64 -0.42 25.01
CCH LMN E . -2.29 1.65 25.32
CCJ LMN E . -2.16 -0.19 26.95
CCL LMN E . -1.38 0.72 26.00
CCM LMN E . -3.11 0.39 30.56
CCN LMN E . -0.30 11.28 28.93
CCO LMN E . -4.85 3.03 20.42
CCQ LMN E . -3.29 0.97 24.47
CCR LMN E . -1.75 9.09 29.59
CCS LMN E . -3.58 1.60 22.29
CCT LMN E . -1.45 11.05 28.02
CCU LMN E . -3.45 3.52 20.69
CCV LMN E . -2.32 9.91 28.44
CCW LMN E . -2.84 2.86 21.87
C1 LMN F . 0.41 5.88 2.33
O1 LMN F . 1.28 4.94 1.72
C2 LMN F . 0.54 7.18 1.64
O2 LMN F . 0.06 7.02 0.26
C3 LMN F . -0.23 8.25 2.28
O3 LMN F . 0.09 9.52 1.62
C4 LMN F . 0.06 8.38 3.74
O4 LMN F . -0.83 9.39 4.27
C5 LMN F . -0.16 7.04 4.49
O5 LMN F . 0.72 5.98 3.78
C6 LMN F . 0.23 7.12 5.85
O6 LMN F . -0.91 6.81 6.67
CAA LMN F . 8.50 -0.70 -0.70
CAB LMN F . 4.71 -6.83 -2.58
OAI LMN F . -2.94 9.79 8.21
OAJ LMN F . -1.94 7.66 8.70
OAL LMN F . 0.87 2.20 8.98
OAN LMN F . -2.17 5.02 6.55
OAP LMN F . 0.28 3.96 5.77
OAQ LMN F . -3.33 11.85 4.74
OAR LMN F . -0.30 6.03 12.46
OAS LMN F . -0.17 13.17 5.97
OAT LMN F . -1.71 3.70 13.19
OAU LMN F . -1.35 11.44 3.01
OAV LMN F . -2.52 2.11 10.94
CAW LMN F . 7.10 -1.29 -0.72
CAX LMN F . 3.83 -5.72 -2.04
CAY LMN F . 6.60 -1.58 -2.15
CAZ LMN F . 4.09 -5.44 -0.56
CBA LMN F . 5.05 -1.56 -2.27
CBB LMN F . 2.84 -4.82 0.15
CBC LMN F . 4.38 -0.62 -1.25
CBD LMN F . 3.16 -4.33 1.60
CBE LMN F . 2.83 -0.64 -1.35
CBF LMN F . 2.91 -2.81 1.76
CBG LMN F . 2.20 0.79 -1.62
CBH LMN F . 2.12 -2.48 3.05
CBI LMN F . 3.16 1.94 -1.24
CBJ LMN F . 1.44 -1.05 3.00
CBK LMN F . 2.61 2.85 -0.09
CBL LMN F . 2.27 -0.01 2.16
CBM LMN F . -2.22 10.95 7.85
CBN LMN F . -2.28 7.09 9.94
CBP LMN F . -0.21 1.29 8.92
CBQ LMN F . 1.35 2.30 0.62
CBR LMN F . 2.41 1.39 2.87
CBS LMN F . 1.92 3.97 2.65
CBT LMN F . -0.01 2.25 2.95
OBV LMN F . 0.24 1.59 4.23
OBX LMN F . -0.15 1.29 6.51
OBY LMN F . -0.44 10.55 6.23
OBZ LMN F . -1.37 4.93 9.30
OCB LMN F . -2.64 3.05 8.67
CCC LMN F . -1.89 10.84 6.40
CCD LMN F . -1.24 6.04 10.26
CCF LMN F . -1.00 1.58 7.68
CCH LMN F . -1.95 3.56 6.45
CCJ LMN F . -0.69 1.82 5.25
CCL LMN F . -0.96 3.31 5.39
CCM LMN F . 1.43 2.48 2.27
CCN LMN F . -2.27 12.14 5.70
CCO LMN F . -1.42 5.57 11.69
CCQ LMN F . -1.51 3.03 7.76
CCR LMN F . -0.10 10.46 4.82
CCS LMN F . -2.58 4.09 9.56
CCT LMN F . -1.13 12.73 4.99
CCU LMN F . -1.50 4.09 11.79
CCV LMN F . -0.46 11.75 4.08
CCW LMN F . -2.61 3.55 10.98
#